data_2CXT
#
_entry.id   2CXT
#
_cell.length_a   69.976
_cell.length_b   116.036
_cell.length_c   73.467
_cell.angle_alpha   90.00
_cell.angle_beta   101.67
_cell.angle_gamma   90.00
#
_symmetry.space_group_name_H-M   'P 1 21 1'
#
loop_
_entity.id
_entity.type
_entity.pdbx_description
1 polymer 'Glucose-6-phosphate isomerase'
2 non-polymer 6-O-phosphono-beta-D-fructofuranose
3 non-polymer GLYCEROL
4 water water
#
_entity_poly.entity_id   1
_entity_poly.type   'polypeptide(L)'
_entity_poly.pdbx_seq_one_letter_code
;MAALTRNPQFQKLLEWHRANSANLKLRELFEADPERFNNFSLNLNTNHGHILVDYSKNLVSKEVMQMLVELAKSRGVEAA
RDNMFSGSKINYTEDRAVLHVALRNRSNTPIKVDGKDVMPEVNRVLDKMKSFCQRVRSGDWKGYTGKSITDIINIGIGGS
DLGPLMVTEALKPYSKGGPRVWFVSNIDGTHIAKTLASLSPETSLFIIASKTFTTQETITNAETAKEWFLEAAKDPSAVA
KHFVALSTNTAKVKEFGIDPQNMFEFWDWVGGRYSLWSAIGLSIALHVGFDHFEQLLSGAHWMDQHFLKTPLEKNAPVLL
ALLGIWYINCYGCETHALLPYDQYMHRFAAYFQQGDMESNGKYITKSGARVDHQTGPIVWGEPGTNGQHAFYQLIHQGTK
MIPCDFLIPVQTQHPIRKGLHHKILLANFLAQTEALMKGKLPEEARKELQAAGKSPEDLEKLLPHKVFEGNRPTNSIVFT
KLTPFILGALIAMYEHKIFVQGIMWDINSFDQWGVELGKQLAKKIEPELEGSSAVTSHDSSTNGLISFIKQQRDTKL
;
_entity_poly.pdbx_strand_id   A,B
#
# COMPACT_ATOMS: atom_id res chain seq x y z
N MET A 1 35.63 -2.64 0.39
CA MET A 1 34.28 -3.17 0.10
C MET A 1 33.57 -3.60 1.38
N ALA A 2 32.47 -4.35 1.24
CA ALA A 2 31.65 -4.77 2.38
C ALA A 2 31.73 -6.28 2.60
N ALA A 3 31.26 -6.73 3.76
CA ALA A 3 31.37 -8.14 4.14
C ALA A 3 30.74 -9.10 3.14
N LEU A 4 29.56 -8.76 2.63
CA LEU A 4 28.89 -9.65 1.69
C LEU A 4 29.65 -9.78 0.38
N THR A 5 30.06 -8.65 -0.19
CA THR A 5 30.73 -8.65 -1.48
C THR A 5 32.14 -9.21 -1.44
N ARG A 6 32.78 -9.14 -0.27
CA ARG A 6 34.11 -9.72 -0.05
C ARG A 6 34.06 -11.23 0.16
N ASN A 7 32.87 -11.74 0.44
CA ASN A 7 32.67 -13.15 0.79
C ASN A 7 32.78 -14.05 -0.45
N PRO A 8 33.66 -15.05 -0.40
CA PRO A 8 33.91 -15.91 -1.56
C PRO A 8 32.71 -16.77 -1.99
N GLN A 9 31.84 -17.13 -1.05
CA GLN A 9 30.61 -17.87 -1.36
C GLN A 9 29.63 -16.99 -2.14
N PHE A 10 29.58 -15.70 -1.79
CA PHE A 10 28.75 -14.76 -2.52
C PHE A 10 29.26 -14.54 -3.94
N GLN A 11 30.56 -14.34 -4.10
CA GLN A 11 31.12 -14.12 -5.43
C GLN A 11 30.91 -15.35 -6.32
N LYS A 12 30.95 -16.54 -5.72
CA LYS A 12 30.67 -17.78 -6.44
C LYS A 12 29.22 -17.80 -6.93
N LEU A 13 28.31 -17.43 -6.04
CA LEU A 13 26.88 -17.36 -6.36
C LEU A 13 26.62 -16.36 -7.48
N LEU A 14 27.22 -15.18 -7.38
CA LEU A 14 27.06 -14.13 -8.40
C LEU A 14 27.62 -14.54 -9.76
N GLU A 15 28.77 -15.20 -9.76
CA GLU A 15 29.38 -15.70 -10.99
C GLU A 15 28.50 -16.76 -11.65
N TRP A 16 27.98 -17.67 -10.82
CA TRP A 16 27.04 -18.68 -11.28
C TRP A 16 25.82 -18.03 -11.92
N HIS A 17 25.28 -17.01 -11.25
CA HIS A 17 24.15 -16.27 -11.78
C HIS A 17 24.44 -15.67 -13.15
N ARG A 18 25.61 -15.03 -13.29
CA ARG A 18 26.02 -14.44 -14.55
C ARG A 18 26.06 -15.48 -15.67
N ALA A 19 26.66 -16.63 -15.37
CA ALA A 19 26.86 -17.69 -16.36
C ALA A 19 25.63 -18.53 -16.66
N ASN A 20 24.80 -18.76 -15.64
CA ASN A 20 23.78 -19.81 -15.70
C ASN A 20 22.32 -19.40 -15.54
N SER A 21 22.04 -18.21 -14.99
CA SER A 21 20.67 -17.83 -14.63
C SER A 21 19.70 -17.70 -15.80
N ALA A 22 20.20 -17.26 -16.95
CA ALA A 22 19.39 -17.16 -18.17
C ALA A 22 18.85 -18.52 -18.63
N ASN A 23 19.46 -19.60 -18.14
CA ASN A 23 19.05 -20.96 -18.51
C ASN A 23 18.00 -21.56 -17.56
N LEU A 24 17.65 -20.82 -16.52
CA LEU A 24 16.59 -21.25 -15.60
C LEU A 24 15.23 -20.87 -16.18
N LYS A 25 14.44 -21.89 -16.52
CA LYS A 25 13.12 -21.70 -17.12
C LYS A 25 12.12 -22.58 -16.36
N LEU A 26 11.24 -21.93 -15.60
CA LEU A 26 10.38 -22.65 -14.66
C LEU A 26 9.49 -23.71 -15.31
N ARG A 27 8.90 -23.36 -16.45
CA ARG A 27 8.04 -24.30 -17.17
C ARG A 27 8.76 -25.60 -17.45
N GLU A 28 10.00 -25.49 -17.91
CA GLU A 28 10.83 -26.64 -18.24
C GLU A 28 11.36 -27.37 -17.01
N LEU A 29 11.67 -26.63 -15.95
CA LEU A 29 12.10 -27.24 -14.69
C LEU A 29 11.00 -28.16 -14.14
N PHE A 30 9.76 -27.71 -14.20
CA PHE A 30 8.63 -28.52 -13.72
C PHE A 30 8.35 -29.75 -14.59
N GLU A 31 8.42 -29.58 -15.91
CA GLU A 31 8.21 -30.70 -16.83
C GLU A 31 9.26 -31.80 -16.67
N ALA A 32 10.50 -31.38 -16.45
CA ALA A 32 11.64 -32.30 -16.38
C ALA A 32 11.71 -33.10 -15.09
N ASP A 33 11.09 -32.59 -14.03
CA ASP A 33 11.20 -33.22 -12.71
C ASP A 33 9.89 -33.20 -11.92
N PRO A 34 9.20 -34.34 -11.89
CA PRO A 34 7.93 -34.47 -11.15
C PRO A 34 8.07 -34.24 -9.64
N GLU A 35 9.29 -34.32 -9.13
CA GLU A 35 9.56 -34.18 -7.71
C GLU A 35 9.85 -32.75 -7.28
N ARG A 36 9.72 -31.80 -8.20
CA ARG A 36 10.14 -30.42 -7.92
C ARG A 36 9.42 -29.82 -6.70
N PHE A 37 8.09 -29.95 -6.65
CA PHE A 37 7.34 -29.45 -5.50
C PHE A 37 7.84 -30.08 -4.19
N ASN A 38 8.03 -31.40 -4.19
CA ASN A 38 8.51 -32.12 -3.01
C ASN A 38 9.89 -31.67 -2.54
N ASN A 39 10.75 -31.29 -3.50
CA ASN A 39 12.13 -30.92 -3.21
C ASN A 39 12.29 -29.46 -2.80
N PHE A 40 11.30 -28.63 -3.12
CA PHE A 40 11.40 -27.20 -2.88
C PHE A 40 10.18 -26.68 -2.12
N SER A 41 9.78 -27.42 -1.09
CA SER A 41 8.70 -26.98 -0.20
C SER A 41 8.88 -27.51 1.21
N LEU A 42 8.30 -26.81 2.18
CA LEU A 42 8.34 -27.18 3.58
C LEU A 42 6.93 -27.23 4.13
N ASN A 43 6.51 -28.41 4.57
CA ASN A 43 5.20 -28.59 5.18
C ASN A 43 5.39 -28.69 6.69
N LEU A 44 5.12 -27.57 7.38
CA LEU A 44 5.39 -27.48 8.81
C LEU A 44 4.16 -27.84 9.63
N ASN A 45 4.34 -28.81 10.53
CA ASN A 45 3.27 -29.18 11.45
C ASN A 45 3.50 -28.55 12.82
N THR A 46 2.69 -27.55 13.16
CA THR A 46 2.84 -26.83 14.43
C THR A 46 2.10 -27.53 15.57
N ASN A 47 1.35 -28.58 15.22
CA ASN A 47 0.38 -29.22 16.11
C ASN A 47 -0.86 -28.36 16.38
N HIS A 48 -0.89 -27.15 15.82
CA HIS A 48 -2.07 -26.29 15.86
C HIS A 48 -2.40 -25.79 14.46
N GLY A 49 -2.17 -26.67 13.48
CA GLY A 49 -2.35 -26.33 12.08
C GLY A 49 -1.05 -26.45 11.32
N HIS A 50 -1.15 -26.53 10.00
CA HIS A 50 0.02 -26.67 9.15
C HIS A 50 0.31 -25.37 8.42
N ILE A 51 1.60 -25.10 8.19
CA ILE A 51 2.03 -24.01 7.32
C ILE A 51 2.87 -24.61 6.21
N LEU A 52 2.38 -24.51 4.98
CA LEU A 52 3.12 -24.98 3.82
C LEU A 52 3.82 -23.80 3.17
N VAL A 53 5.15 -23.83 3.18
CA VAL A 53 5.95 -22.83 2.47
C VAL A 53 6.45 -23.48 1.18
N ASP A 54 5.76 -23.19 0.09
CA ASP A 54 6.08 -23.73 -1.23
C ASP A 54 6.93 -22.72 -2.00
N TYR A 55 8.23 -23.01 -2.10
CA TYR A 55 9.14 -22.13 -2.82
C TYR A 55 9.58 -22.72 -4.16
N SER A 56 8.81 -23.69 -4.66
CA SER A 56 9.16 -24.42 -5.87
C SER A 56 9.06 -23.59 -7.15
N LYS A 57 8.20 -22.55 -7.14
CA LYS A 57 8.03 -21.69 -8.30
C LYS A 57 9.06 -20.55 -8.31
N ASN A 58 10.20 -20.78 -7.67
CA ASN A 58 11.33 -19.84 -7.71
C ASN A 58 12.38 -20.23 -8.74
N LEU A 59 13.16 -19.24 -9.18
CA LEU A 59 14.18 -19.45 -10.19
C LEU A 59 15.44 -20.03 -9.53
N VAL A 60 15.31 -21.25 -9.04
CA VAL A 60 16.36 -21.91 -8.28
C VAL A 60 16.44 -23.38 -8.67
N SER A 61 17.62 -23.94 -8.45
CA SER A 61 17.86 -25.38 -8.60
C SER A 61 18.50 -25.86 -7.31
N LYS A 62 18.71 -27.17 -7.19
CA LYS A 62 19.41 -27.75 -6.06
C LYS A 62 20.76 -27.04 -5.83
N GLU A 63 21.49 -26.80 -6.93
CA GLU A 63 22.80 -26.16 -6.88
C GLU A 63 22.69 -24.75 -6.29
N VAL A 64 21.72 -23.98 -6.77
CA VAL A 64 21.50 -22.62 -6.28
C VAL A 64 21.19 -22.61 -4.79
N MET A 65 20.30 -23.50 -4.35
CA MET A 65 19.96 -23.59 -2.93
C MET A 65 21.15 -23.98 -2.06
N GLN A 66 21.97 -24.91 -2.56
CA GLN A 66 23.18 -25.33 -1.84
C GLN A 66 24.14 -24.15 -1.65
N MET A 67 24.34 -23.37 -2.73
CA MET A 67 25.22 -22.20 -2.67
C MET A 67 24.68 -21.15 -1.69
N LEU A 68 23.36 -20.96 -1.71
CA LEU A 68 22.72 -20.01 -0.80
C LEU A 68 22.84 -20.43 0.67
N VAL A 69 22.63 -21.71 0.95
CA VAL A 69 22.81 -22.23 2.31
C VAL A 69 24.27 -22.07 2.75
N GLU A 70 25.21 -22.40 1.85
CA GLU A 70 26.63 -22.27 2.13
C GLU A 70 27.01 -20.83 2.46
N LEU A 71 26.38 -19.89 1.74
CA LEU A 71 26.58 -18.46 2.00
C LEU A 71 26.08 -18.07 3.40
N ALA A 72 24.89 -18.54 3.77
CA ALA A 72 24.35 -18.26 5.10
C ALA A 72 25.29 -18.75 6.21
N LYS A 73 25.86 -19.95 6.05
CA LYS A 73 26.84 -20.49 6.99
C LYS A 73 28.09 -19.62 7.04
N SER A 74 28.57 -19.25 5.86
CA SER A 74 29.76 -18.39 5.72
C SER A 74 29.57 -17.01 6.34
N ARG A 75 28.33 -16.50 6.33
CA ARG A 75 28.02 -15.19 6.90
C ARG A 75 27.71 -15.20 8.40
N GLY A 76 27.77 -16.38 9.03
CA GLY A 76 27.61 -16.49 10.47
C GLY A 76 26.19 -16.34 10.98
N VAL A 77 25.23 -16.76 10.15
CA VAL A 77 23.81 -16.66 10.50
C VAL A 77 23.45 -17.39 11.80
N GLU A 78 23.92 -18.62 11.94
CA GLU A 78 23.57 -19.43 13.12
C GLU A 78 24.11 -18.83 14.41
N ALA A 79 25.36 -18.37 14.37
CA ALA A 79 25.98 -17.73 15.54
C ALA A 79 25.26 -16.44 15.91
N ALA A 80 24.90 -15.65 14.89
CA ALA A 80 24.21 -14.38 15.11
C ALA A 80 22.83 -14.63 15.72
N ARG A 81 22.15 -15.67 15.24
CA ARG A 81 20.84 -16.04 15.77
C ARG A 81 20.95 -16.43 17.25
N ASP A 82 21.93 -17.28 17.55
CA ASP A 82 22.15 -17.70 18.93
C ASP A 82 22.42 -16.52 19.84
N ASN A 83 23.21 -15.56 19.36
CA ASN A 83 23.51 -14.33 20.08
C ASN A 83 22.26 -13.50 20.36
N MET A 84 21.35 -13.43 19.40
CA MET A 84 20.10 -12.71 19.60
C MET A 84 19.31 -13.38 20.73
N PHE A 85 19.15 -14.69 20.62
CA PHE A 85 18.34 -15.47 21.56
C PHE A 85 18.93 -15.51 22.98
N SER A 86 20.23 -15.25 23.11
CA SER A 86 20.89 -15.32 24.42
C SER A 86 20.96 -13.96 25.12
N GLY A 87 20.48 -12.92 24.45
CA GLY A 87 20.48 -11.59 25.02
C GLY A 87 21.76 -10.79 24.84
N SER A 88 22.61 -11.23 23.91
CA SER A 88 23.80 -10.46 23.53
C SER A 88 23.35 -9.14 22.91
N LYS A 89 24.14 -8.09 23.09
CA LYS A 89 23.74 -6.76 22.66
C LYS A 89 24.04 -6.53 21.17
N ILE A 90 23.33 -7.27 20.32
CA ILE A 90 23.56 -7.28 18.87
C ILE A 90 23.11 -6.02 18.13
N ASN A 91 22.28 -5.19 18.78
CA ASN A 91 21.97 -3.85 18.28
C ASN A 91 23.17 -2.99 18.68
N TYR A 92 24.21 -3.01 17.85
CA TYR A 92 25.53 -2.51 18.23
C TYR A 92 25.69 -0.99 18.20
N THR A 93 24.84 -0.29 17.45
CA THR A 93 24.90 1.16 17.41
C THR A 93 24.23 1.79 18.62
N GLU A 94 23.31 1.04 19.25
CA GLU A 94 22.63 1.54 20.45
C GLU A 94 23.04 0.78 21.71
N ASP A 95 23.93 -0.20 21.54
CA ASP A 95 24.36 -1.10 22.62
C ASP A 95 23.17 -1.70 23.39
N ARG A 96 22.31 -2.37 22.64
CA ARG A 96 21.09 -2.95 23.20
C ARG A 96 20.97 -4.41 22.79
N ALA A 97 20.36 -5.21 23.67
CA ALA A 97 19.90 -6.54 23.31
C ALA A 97 18.72 -6.41 22.34
N VAL A 98 18.36 -7.53 21.71
CA VAL A 98 17.26 -7.58 20.77
C VAL A 98 16.44 -8.81 21.14
N LEU A 99 15.37 -8.59 21.90
CA LEU A 99 14.72 -9.68 22.59
C LEU A 99 13.22 -9.72 22.46
N HIS A 100 12.71 -9.41 21.28
CA HIS A 100 11.30 -9.69 21.03
C HIS A 100 10.97 -11.18 21.24
N VAL A 101 11.96 -12.05 21.06
CA VAL A 101 11.76 -13.49 21.34
C VAL A 101 11.49 -13.78 22.82
N ALA A 102 12.05 -12.95 23.71
CA ALA A 102 11.77 -13.10 25.14
C ALA A 102 10.30 -12.81 25.49
N LEU A 103 9.68 -11.89 24.76
CA LEU A 103 8.30 -11.48 25.01
C LEU A 103 7.31 -12.62 24.89
N ARG A 104 7.61 -13.55 23.99
CA ARG A 104 6.76 -14.72 23.75
C ARG A 104 7.44 -16.03 24.15
N ASN A 105 8.42 -15.93 25.04
CA ASN A 105 9.15 -17.10 25.52
C ASN A 105 8.29 -17.91 26.50
N ARG A 106 7.38 -18.71 25.93
CA ARG A 106 6.39 -19.47 26.70
C ARG A 106 7.03 -20.51 27.62
N SER A 107 8.22 -20.97 27.24
CA SER A 107 8.96 -21.96 28.02
C SER A 107 9.49 -21.39 29.34
N ASN A 108 9.64 -20.07 29.39
CA ASN A 108 10.19 -19.35 30.54
C ASN A 108 11.65 -19.67 30.89
N THR A 109 12.34 -20.33 29.97
CA THR A 109 13.78 -20.54 30.09
C THR A 109 14.45 -19.18 30.25
N PRO A 110 15.30 -19.01 31.25
CA PRO A 110 15.95 -17.72 31.50
C PRO A 110 16.65 -17.16 30.27
N ILE A 111 16.46 -15.87 30.04
CA ILE A 111 17.20 -15.12 29.05
C ILE A 111 17.74 -13.91 29.78
N LYS A 112 19.05 -13.77 29.79
CA LYS A 112 19.70 -12.77 30.61
C LYS A 112 20.17 -11.56 29.82
N VAL A 113 19.93 -10.39 30.39
CA VAL A 113 20.51 -9.14 29.91
C VAL A 113 21.24 -8.52 31.09
N ASP A 114 22.53 -8.24 30.93
CA ASP A 114 23.37 -7.70 32.00
C ASP A 114 23.34 -8.63 33.23
N GLY A 115 23.39 -9.94 32.97
CA GLY A 115 23.39 -10.95 34.02
C GLY A 115 22.08 -11.14 34.77
N LYS A 116 20.98 -10.57 34.26
CA LYS A 116 19.68 -10.65 34.93
C LYS A 116 18.59 -11.21 34.00
N ASP A 117 17.89 -12.24 34.48
CA ASP A 117 16.80 -12.86 33.74
C ASP A 117 15.71 -11.84 33.46
N VAL A 118 15.28 -11.74 32.20
CA VAL A 118 14.22 -10.80 31.82
C VAL A 118 12.82 -11.39 31.96
N MET A 119 12.73 -12.72 32.09
CA MET A 119 11.43 -13.40 32.10
C MET A 119 10.48 -12.98 33.23
N PRO A 120 10.96 -12.84 34.48
CA PRO A 120 10.08 -12.36 35.56
C PRO A 120 9.35 -11.06 35.22
N GLU A 121 10.06 -10.09 34.63
CA GLU A 121 9.42 -8.82 34.28
C GLU A 121 8.48 -8.96 33.06
N VAL A 122 8.90 -9.75 32.07
CA VAL A 122 8.01 -10.05 30.93
C VAL A 122 6.68 -10.60 31.45
N ASN A 123 6.76 -11.61 32.33
CA ASN A 123 5.57 -12.27 32.85
C ASN A 123 4.75 -11.41 33.80
N ARG A 124 5.41 -10.54 34.56
CA ARG A 124 4.73 -9.59 35.44
C ARG A 124 3.83 -8.66 34.62
N VAL A 125 4.37 -8.14 33.53
CA VAL A 125 3.60 -7.24 32.68
C VAL A 125 2.46 -8.00 32.00
N LEU A 126 2.74 -9.22 31.52
CA LEU A 126 1.69 -10.05 30.94
C LEU A 126 0.54 -10.32 31.92
N ASP A 127 0.89 -10.60 33.18
CA ASP A 127 -0.11 -10.82 34.23
C ASP A 127 -0.95 -9.56 34.45
N LYS A 128 -0.29 -8.40 34.39
CA LYS A 128 -0.97 -7.12 34.54
C LYS A 128 -1.93 -6.88 33.37
N MET A 129 -1.49 -7.20 32.17
CA MET A 129 -2.34 -7.10 30.99
C MET A 129 -3.57 -8.00 31.14
N LYS A 130 -3.35 -9.24 31.59
CA LYS A 130 -4.42 -10.21 31.77
C LYS A 130 -5.48 -9.70 32.75
N SER A 131 -5.02 -9.23 33.91
CA SER A 131 -5.91 -8.67 34.92
C SER A 131 -6.71 -7.49 34.37
N PHE A 132 -6.02 -6.56 33.71
CA PHE A 132 -6.68 -5.39 33.13
C PHE A 132 -7.72 -5.78 32.09
N CYS A 133 -7.36 -6.69 31.19
CA CYS A 133 -8.29 -7.15 30.17
C CYS A 133 -9.56 -7.74 30.77
N GLN A 134 -9.41 -8.54 31.82
CA GLN A 134 -10.57 -9.13 32.50
C GLN A 134 -11.48 -8.03 33.03
N ARG A 135 -10.89 -7.02 33.66
CA ARG A 135 -11.68 -5.95 34.28
C ARG A 135 -12.44 -5.13 33.25
N VAL A 136 -11.79 -4.81 32.14
CA VAL A 136 -12.42 -3.99 31.10
C VAL A 136 -13.47 -4.79 30.35
N ARG A 137 -13.11 -5.98 29.88
CA ARG A 137 -14.01 -6.78 29.05
C ARG A 137 -15.26 -7.27 29.79
N SER A 138 -15.13 -7.54 31.09
CA SER A 138 -16.23 -8.04 31.90
C SER A 138 -17.25 -6.94 32.19
N GLY A 139 -16.84 -5.70 31.96
CA GLY A 139 -17.67 -4.55 32.26
C GLY A 139 -17.45 -4.00 33.65
N ASP A 140 -16.56 -4.64 34.43
CA ASP A 140 -16.30 -4.24 35.81
C ASP A 140 -15.64 -2.87 35.91
N TRP A 141 -14.70 -2.60 34.99
CA TRP A 141 -14.01 -1.32 34.94
C TRP A 141 -14.98 -0.24 34.48
N LYS A 142 -15.21 0.74 35.33
CA LYS A 142 -16.18 1.80 35.06
C LYS A 142 -15.52 3.13 34.76
N GLY A 143 -16.15 3.89 33.88
CA GLY A 143 -15.70 5.24 33.55
C GLY A 143 -16.11 6.22 34.63
N TYR A 144 -15.82 7.50 34.38
CA TYR A 144 -15.97 8.52 35.42
C TYR A 144 -17.41 8.79 35.84
N THR A 145 -18.38 8.39 35.02
CA THR A 145 -19.79 8.53 35.39
C THR A 145 -20.41 7.19 35.80
N GLY A 146 -19.60 6.14 35.88
CA GLY A 146 -20.04 4.85 36.38
C GLY A 146 -20.55 3.86 35.34
N LYS A 147 -20.15 4.06 34.09
CA LYS A 147 -20.57 3.20 32.97
C LYS A 147 -19.44 2.31 32.49
N SER A 148 -19.79 1.12 32.00
CA SER A 148 -18.81 0.21 31.39
C SER A 148 -18.17 0.81 30.13
N ILE A 149 -16.92 0.41 29.88
CA ILE A 149 -16.18 0.88 28.70
C ILE A 149 -16.68 0.18 27.43
N THR A 150 -16.96 0.97 26.38
CA THR A 150 -17.46 0.41 25.13
C THR A 150 -16.46 0.54 23.99
N ASP A 151 -15.49 1.44 24.15
CA ASP A 151 -14.58 1.80 23.07
C ASP A 151 -13.19 1.96 23.62
N ILE A 152 -12.22 1.36 22.94
CA ILE A 152 -10.80 1.51 23.26
C ILE A 152 -10.15 2.26 22.10
N ILE A 153 -9.32 3.24 22.42
CA ILE A 153 -8.66 4.03 21.40
C ILE A 153 -7.15 3.99 21.61
N ASN A 154 -6.46 3.30 20.71
CA ASN A 154 -5.02 3.25 20.74
C ASN A 154 -4.48 4.49 20.05
N ILE A 155 -3.69 5.26 20.76
CA ILE A 155 -2.99 6.41 20.21
C ILE A 155 -1.51 6.12 20.15
N GLY A 156 -0.99 6.05 18.94
CA GLY A 156 0.41 5.76 18.72
C GLY A 156 0.72 5.76 17.23
N ILE A 157 2.00 5.76 16.89
CA ILE A 157 2.39 5.81 15.49
C ILE A 157 3.52 4.81 15.22
N GLY A 158 3.62 4.35 13.98
CA GLY A 158 4.67 3.40 13.60
C GLY A 158 4.53 2.08 14.35
N GLY A 159 5.59 1.71 15.06
CA GLY A 159 5.60 0.45 15.80
C GLY A 159 4.58 0.38 16.92
N SER A 160 4.09 1.54 17.35
CA SER A 160 3.08 1.59 18.40
C SER A 160 1.66 1.61 17.82
N ASP A 161 1.55 1.40 16.51
CA ASP A 161 0.27 1.48 15.79
C ASP A 161 0.07 0.29 14.85
N LEU A 162 1.05 0.05 14.00
CA LEU A 162 0.89 -0.87 12.87
C LEU A 162 0.58 -2.31 13.28
N GLY A 163 1.29 -2.80 14.30
CA GLY A 163 1.10 -4.15 14.81
C GLY A 163 -0.29 -4.38 15.38
N PRO A 164 -0.64 -3.62 16.40
CA PRO A 164 -2.00 -3.72 16.99
C PRO A 164 -3.11 -3.56 15.94
N LEU A 165 -2.97 -2.61 15.03
CA LEU A 165 -3.97 -2.43 13.98
C LEU A 165 -4.04 -3.67 13.09
N MET A 166 -2.88 -4.12 12.62
CA MET A 166 -2.86 -5.25 11.69
C MET A 166 -3.46 -6.50 12.34
N VAL A 167 -3.09 -6.75 13.59
CA VAL A 167 -3.53 -7.94 14.30
C VAL A 167 -5.01 -7.88 14.65
N THR A 168 -5.50 -6.72 15.12
CA THR A 168 -6.95 -6.63 15.43
C THR A 168 -7.80 -6.75 14.17
N GLU A 169 -7.29 -6.22 13.05
CA GLU A 169 -7.97 -6.43 11.77
C GLU A 169 -7.98 -7.91 11.38
N ALA A 170 -6.83 -8.57 11.54
CA ALA A 170 -6.66 -9.96 11.10
C ALA A 170 -7.45 -10.95 11.95
N LEU A 171 -7.63 -10.61 13.22
CA LEU A 171 -8.29 -11.49 14.18
C LEU A 171 -9.68 -11.01 14.56
N LYS A 172 -10.29 -10.20 13.69
CA LYS A 172 -11.61 -9.65 13.94
C LYS A 172 -12.67 -10.68 14.38
N PRO A 173 -12.73 -11.87 13.77
CA PRO A 173 -13.69 -12.90 14.20
C PRO A 173 -13.57 -13.32 15.66
N TYR A 174 -12.42 -13.05 16.28
CA TYR A 174 -12.14 -13.46 17.66
C TYR A 174 -12.47 -12.36 18.68
N SER A 175 -13.15 -11.31 18.22
CA SER A 175 -13.40 -10.11 19.03
C SER A 175 -14.81 -9.97 19.61
N LYS A 176 -15.65 -10.99 19.49
CA LYS A 176 -16.97 -10.95 20.10
C LYS A 176 -16.84 -10.87 21.63
N GLY A 177 -17.54 -9.92 22.24
CA GLY A 177 -17.45 -9.70 23.68
C GLY A 177 -16.31 -8.77 24.10
N GLY A 178 -15.60 -8.23 23.11
CA GLY A 178 -14.59 -7.22 23.36
C GLY A 178 -15.12 -5.86 22.97
N PRO A 179 -14.54 -4.80 23.53
CA PRO A 179 -14.92 -3.43 23.18
C PRO A 179 -14.48 -3.11 21.75
N ARG A 180 -15.16 -2.16 21.13
CA ARG A 180 -14.73 -1.64 19.83
C ARG A 180 -13.34 -1.05 19.96
N VAL A 181 -12.50 -1.26 18.96
CA VAL A 181 -11.15 -0.71 18.96
C VAL A 181 -10.94 0.30 17.82
N TRP A 182 -10.32 1.43 18.17
CA TRP A 182 -10.03 2.51 17.25
C TRP A 182 -8.54 2.79 17.29
N PHE A 183 -7.99 3.20 16.15
CA PHE A 183 -6.57 3.52 16.07
C PHE A 183 -6.39 4.93 15.55
N VAL A 184 -5.74 5.76 16.38
CA VAL A 184 -5.42 7.14 16.00
C VAL A 184 -3.90 7.20 15.93
N SER A 185 -3.36 7.64 14.80
CA SER A 185 -1.92 7.62 14.60
C SER A 185 -1.36 8.89 13.97
N ASN A 186 -1.96 9.32 12.88
CA ASN A 186 -1.47 10.50 12.17
C ASN A 186 -1.61 11.75 13.03
N ILE A 187 -0.66 12.68 12.92
CA ILE A 187 -0.85 14.01 13.52
C ILE A 187 -1.98 14.76 12.83
N ASP A 188 -2.19 14.48 11.55
CA ASP A 188 -3.29 15.09 10.80
C ASP A 188 -4.54 15.07 11.68
N GLY A 189 -5.04 16.27 12.01
CA GLY A 189 -6.15 16.44 12.94
C GLY A 189 -7.41 15.69 12.54
N THR A 190 -7.54 15.41 11.26
CA THR A 190 -8.60 14.55 10.76
C THR A 190 -8.70 13.24 11.53
N HIS A 191 -7.55 12.65 11.85
CA HIS A 191 -7.55 11.32 12.44
C HIS A 191 -8.20 11.30 13.82
N ILE A 192 -7.73 12.14 14.73
CA ILE A 192 -8.33 12.20 16.05
C ILE A 192 -9.75 12.81 16.01
N ALA A 193 -9.95 13.82 15.17
CA ALA A 193 -11.23 14.53 15.10
C ALA A 193 -12.38 13.60 14.70
N LYS A 194 -12.16 12.80 13.66
CA LYS A 194 -13.22 11.92 13.18
C LYS A 194 -13.47 10.75 14.16
N THR A 195 -12.41 10.34 14.87
CA THR A 195 -12.53 9.30 15.89
C THR A 195 -13.33 9.81 17.10
N LEU A 196 -12.98 10.98 17.61
CA LEU A 196 -13.64 11.55 18.79
C LEU A 196 -15.11 11.90 18.54
N ALA A 197 -15.44 12.24 17.30
CA ALA A 197 -16.81 12.60 16.94
C ALA A 197 -17.81 11.46 17.17
N SER A 198 -17.30 10.23 17.14
CA SER A 198 -18.13 9.03 17.29
C SER A 198 -18.03 8.40 18.68
N LEU A 199 -17.46 9.14 19.63
CA LEU A 199 -17.22 8.60 20.97
C LEU A 199 -17.84 9.43 22.08
N SER A 200 -18.07 8.78 23.22
CA SER A 200 -18.45 9.47 24.44
C SER A 200 -17.29 9.41 25.42
N PRO A 201 -16.95 10.53 26.05
CA PRO A 201 -15.89 10.54 27.08
C PRO A 201 -16.21 9.59 28.25
N GLU A 202 -17.49 9.32 28.49
CA GLU A 202 -17.90 8.47 29.61
C GLU A 202 -17.55 7.00 29.43
N THR A 203 -17.42 6.57 28.18
CA THR A 203 -17.30 5.15 27.89
C THR A 203 -16.08 4.78 27.03
N SER A 204 -15.16 5.71 26.90
CA SER A 204 -13.97 5.53 26.06
C SER A 204 -12.72 5.42 26.91
N LEU A 205 -11.87 4.45 26.57
CA LEU A 205 -10.59 4.28 27.24
C LEU A 205 -9.47 4.49 26.24
N PHE A 206 -8.59 5.42 26.56
CA PHE A 206 -7.46 5.75 25.70
C PHE A 206 -6.22 5.02 26.14
N ILE A 207 -5.51 4.45 25.16
CA ILE A 207 -4.27 3.74 25.36
C ILE A 207 -3.19 4.54 24.63
N ILE A 208 -2.32 5.18 25.39
CA ILE A 208 -1.26 5.97 24.80
C ILE A 208 -0.05 5.08 24.63
N ALA A 209 0.23 4.70 23.39
CA ALA A 209 1.26 3.71 23.07
C ALA A 209 2.47 4.43 22.49
N SER A 210 3.58 4.40 23.21
CA SER A 210 4.80 5.05 22.74
C SER A 210 5.98 4.55 23.56
N LYS A 211 6.92 3.89 22.88
CA LYS A 211 8.13 3.40 23.52
C LYS A 211 8.86 4.53 24.25
N THR A 212 9.08 5.64 23.55
CA THR A 212 9.81 6.78 24.13
C THR A 212 8.93 7.68 24.97
N PHE A 213 7.63 7.71 24.64
CA PHE A 213 6.68 8.68 25.21
C PHE A 213 7.07 10.15 24.96
N THR A 214 7.77 10.40 23.85
CA THR A 214 8.14 11.76 23.45
C THR A 214 7.87 12.06 21.98
N THR A 215 7.35 11.07 21.25
CA THR A 215 7.04 11.25 19.82
C THR A 215 5.99 12.34 19.64
N GLN A 216 6.29 13.34 18.83
CA GLN A 216 5.42 14.51 18.75
C GLN A 216 3.98 14.18 18.36
N GLU A 217 3.80 13.35 17.34
CA GLU A 217 2.46 13.00 16.90
C GLU A 217 1.64 12.35 18.01
N THR A 218 2.26 11.41 18.72
CA THR A 218 1.54 10.65 19.74
C THR A 218 1.22 11.49 20.96
N ILE A 219 2.19 12.28 21.43
CA ILE A 219 1.98 13.11 22.61
C ILE A 219 0.97 14.22 22.29
N THR A 220 1.05 14.80 21.09
CA THR A 220 0.07 15.82 20.68
C THR A 220 -1.34 15.23 20.60
N ASN A 221 -1.49 14.10 19.92
CA ASN A 221 -2.76 13.40 19.89
C ASN A 221 -3.28 13.08 21.28
N ALA A 222 -2.39 12.62 22.16
CA ALA A 222 -2.76 12.25 23.52
C ALA A 222 -3.25 13.46 24.30
N GLU A 223 -2.55 14.59 24.12
CA GLU A 223 -2.96 15.84 24.78
C GLU A 223 -4.31 16.34 24.24
N THR A 224 -4.53 16.18 22.95
CA THR A 224 -5.82 16.54 22.35
C THR A 224 -6.95 15.69 22.91
N ALA A 225 -6.71 14.39 23.03
CA ALA A 225 -7.68 13.48 23.64
C ALA A 225 -7.96 13.83 25.10
N LYS A 226 -6.90 14.17 25.83
CA LYS A 226 -7.04 14.53 27.25
C LYS A 226 -7.84 15.81 27.43
N GLU A 227 -7.62 16.79 26.54
CA GLU A 227 -8.35 18.05 26.59
C GLU A 227 -9.84 17.81 26.30
N TRP A 228 -10.12 16.98 25.29
CA TRP A 228 -11.48 16.61 24.94
C TRP A 228 -12.14 15.90 26.11
N PHE A 229 -11.40 15.00 26.75
CA PHE A 229 -11.92 14.26 27.88
C PHE A 229 -12.22 15.18 29.06
N LEU A 230 -11.29 16.06 29.38
CA LEU A 230 -11.44 16.96 30.54
C LEU A 230 -12.49 18.04 30.33
N GLU A 231 -12.76 18.39 29.08
CA GLU A 231 -13.83 19.34 28.79
C GLU A 231 -15.17 18.78 29.27
N ALA A 232 -15.31 17.45 29.21
CA ALA A 232 -16.50 16.75 29.65
C ALA A 232 -16.45 16.40 31.13
N ALA A 233 -15.33 15.80 31.57
CA ALA A 233 -15.22 15.26 32.92
C ALA A 233 -14.98 16.32 33.99
N LYS A 234 -14.21 17.34 33.64
CA LYS A 234 -13.92 18.47 34.52
C LYS A 234 -13.32 18.05 35.87
N ASP A 235 -12.52 16.98 35.85
CA ASP A 235 -11.97 16.40 37.07
C ASP A 235 -10.70 15.62 36.71
N PRO A 236 -9.52 16.11 37.12
CA PRO A 236 -8.27 15.46 36.74
C PRO A 236 -8.11 14.04 37.29
N SER A 237 -8.76 13.73 38.41
CA SER A 237 -8.73 12.38 38.96
C SER A 237 -9.44 11.36 38.05
N ALA A 238 -10.33 11.85 37.19
CA ALA A 238 -11.07 10.99 36.26
C ALA A 238 -10.18 10.42 35.16
N VAL A 239 -9.04 11.08 34.91
CA VAL A 239 -8.09 10.61 33.90
C VAL A 239 -7.62 9.17 34.16
N ALA A 240 -7.43 8.82 35.43
CA ALA A 240 -7.01 7.49 35.83
C ALA A 240 -7.98 6.37 35.44
N LYS A 241 -9.23 6.71 35.14
CA LYS A 241 -10.22 5.72 34.72
C LYS A 241 -10.29 5.58 33.20
N HIS A 242 -9.61 6.47 32.50
CA HIS A 242 -9.77 6.57 31.04
C HIS A 242 -8.49 6.62 30.22
N PHE A 243 -7.33 6.72 30.88
CA PHE A 243 -6.06 6.78 30.18
C PHE A 243 -5.05 5.79 30.77
N VAL A 244 -4.50 4.94 29.91
CA VAL A 244 -3.38 4.09 30.28
C VAL A 244 -2.23 4.33 29.31
N ALA A 245 -1.03 3.92 29.73
CA ALA A 245 0.15 4.14 28.90
C ALA A 245 0.92 2.85 28.68
N LEU A 246 1.44 2.69 27.47
CA LEU A 246 2.32 1.57 27.12
C LEU A 246 3.66 2.18 26.73
N SER A 247 4.68 1.97 27.56
CA SER A 247 5.92 2.73 27.40
C SER A 247 7.11 2.11 28.12
N THR A 248 8.31 2.59 27.79
CA THR A 248 9.52 2.30 28.56
C THR A 248 9.90 3.49 29.46
N ASN A 249 9.23 4.62 29.26
CA ASN A 249 9.62 5.88 29.89
C ASN A 249 8.70 6.28 31.03
N THR A 250 8.96 5.73 32.22
CA THR A 250 8.15 5.98 33.41
C THR A 250 8.04 7.48 33.74
N ALA A 251 9.17 8.18 33.66
CA ALA A 251 9.19 9.61 34.00
C ALA A 251 8.28 10.44 33.11
N LYS A 252 8.32 10.18 31.80
CA LYS A 252 7.52 10.96 30.85
C LYS A 252 6.04 10.59 30.91
N VAL A 253 5.76 9.33 31.23
CA VAL A 253 4.38 8.89 31.48
C VAL A 253 3.80 9.66 32.69
N LYS A 254 4.56 9.70 33.78
CA LYS A 254 4.16 10.46 34.96
C LYS A 254 3.92 11.94 34.64
N GLU A 255 4.84 12.52 33.87
CA GLU A 255 4.77 13.93 33.46
C GLU A 255 3.48 14.25 32.70
N PHE A 256 3.09 13.36 31.79
CA PHE A 256 1.85 13.51 31.03
C PHE A 256 0.62 13.47 31.94
N GLY A 257 0.76 12.83 33.10
CA GLY A 257 -0.31 12.77 34.09
C GLY A 257 -1.01 11.44 34.19
N ILE A 258 -0.35 10.37 33.77
CA ILE A 258 -0.93 9.03 33.88
C ILE A 258 -0.49 8.34 35.17
N ASP A 259 -1.46 7.72 35.84
CA ASP A 259 -1.27 6.94 37.06
C ASP A 259 -0.19 5.87 36.88
N PRO A 260 0.71 5.74 37.86
CA PRO A 260 1.79 4.75 37.80
C PRO A 260 1.26 3.32 37.64
N GLN A 261 0.11 3.02 38.26
CA GLN A 261 -0.57 1.74 38.13
C GLN A 261 -1.25 1.57 36.77
N ASN A 262 -1.33 2.66 36.01
CA ASN A 262 -1.90 2.61 34.67
C ASN A 262 -0.84 2.54 33.58
N MET A 263 0.39 2.23 33.98
CA MET A 263 1.47 2.07 33.02
C MET A 263 1.83 0.61 32.80
N PHE A 264 1.83 0.21 31.53
CA PHE A 264 2.21 -1.14 31.14
C PHE A 264 3.58 -1.07 30.50
N GLU A 265 4.58 -1.60 31.20
CA GLU A 265 5.97 -1.38 30.83
C GLU A 265 6.48 -2.35 29.78
N PHE A 266 7.35 -1.85 28.93
CA PHE A 266 8.27 -2.71 28.20
C PHE A 266 9.70 -2.16 28.27
N TRP A 267 10.60 -2.71 27.46
CA TRP A 267 12.03 -2.55 27.67
C TRP A 267 12.76 -2.10 26.42
N ASP A 268 13.95 -1.55 26.60
CA ASP A 268 14.70 -1.00 25.47
C ASP A 268 15.08 -2.03 24.39
N TRP A 269 15.13 -3.31 24.79
CA TRP A 269 15.45 -4.39 23.86
C TRP A 269 14.24 -4.89 23.06
N VAL A 270 13.10 -4.21 23.22
CA VAL A 270 11.94 -4.42 22.37
C VAL A 270 11.91 -3.32 21.30
N GLY A 271 12.28 -3.66 20.07
CA GLY A 271 12.19 -2.69 18.98
C GLY A 271 10.73 -2.34 18.72
N GLY A 272 10.45 -1.08 18.39
CA GLY A 272 9.08 -0.67 18.08
C GLY A 272 8.39 -1.53 17.05
N ARG A 273 9.08 -1.80 15.95
CA ARG A 273 8.55 -2.62 14.87
C ARG A 273 8.55 -4.13 15.20
N TYR A 274 8.93 -4.45 16.43
CA TYR A 274 8.89 -5.82 16.95
C TYR A 274 8.15 -5.84 18.28
N SER A 275 7.24 -4.89 18.49
CA SER A 275 6.70 -4.64 19.82
C SER A 275 5.29 -5.15 20.13
N LEU A 276 4.54 -5.62 19.12
CA LEU A 276 3.16 -6.05 19.37
C LEU A 276 3.05 -7.18 20.39
N TRP A 277 4.16 -7.88 20.61
CA TRP A 277 4.23 -9.02 21.54
C TRP A 277 4.33 -8.57 22.99
N SER A 278 4.67 -7.30 23.18
CA SER A 278 4.84 -6.72 24.51
C SER A 278 3.55 -6.05 24.98
N ALA A 279 3.69 -5.16 25.98
CA ALA A 279 2.62 -4.28 26.43
C ALA A 279 1.91 -3.55 25.28
N ILE A 280 2.65 -3.27 24.20
CA ILE A 280 2.07 -2.59 23.02
C ILE A 280 0.87 -3.35 22.47
N GLY A 281 0.86 -4.67 22.68
CA GLY A 281 -0.25 -5.50 22.27
C GLY A 281 -1.51 -5.40 23.13
N LEU A 282 -1.55 -4.47 24.08
CA LEU A 282 -2.69 -4.39 24.99
C LEU A 282 -4.03 -4.25 24.27
N SER A 283 -4.07 -3.41 23.23
CA SER A 283 -5.31 -3.24 22.46
C SER A 283 -5.75 -4.53 21.76
N ILE A 284 -4.78 -5.35 21.35
CA ILE A 284 -5.09 -6.68 20.81
C ILE A 284 -5.79 -7.52 21.87
N ALA A 285 -5.16 -7.59 23.04
CA ALA A 285 -5.65 -8.38 24.17
C ALA A 285 -7.01 -7.90 24.65
N LEU A 286 -7.23 -6.59 24.65
CA LEU A 286 -8.54 -6.06 25.03
C LEU A 286 -9.60 -6.43 24.01
N HIS A 287 -9.25 -6.39 22.73
CA HIS A 287 -10.20 -6.61 21.65
C HIS A 287 -10.60 -8.08 21.49
N VAL A 288 -9.61 -8.98 21.52
CA VAL A 288 -9.86 -10.41 21.27
C VAL A 288 -9.77 -11.28 22.53
N GLY A 289 -9.32 -10.68 23.64
CA GLY A 289 -9.17 -11.42 24.88
C GLY A 289 -7.73 -11.86 25.10
N PHE A 290 -7.33 -11.91 26.37
CA PHE A 290 -5.98 -12.32 26.71
C PHE A 290 -5.64 -13.76 26.31
N ASP A 291 -6.62 -14.66 26.35
CA ASP A 291 -6.37 -16.04 25.92
C ASP A 291 -5.90 -16.09 24.46
N HIS A 292 -6.60 -15.36 23.60
CA HIS A 292 -6.21 -15.30 22.19
C HIS A 292 -4.87 -14.60 21.99
N PHE A 293 -4.58 -13.60 22.83
CA PHE A 293 -3.28 -12.94 22.80
C PHE A 293 -2.17 -13.93 23.15
N GLU A 294 -2.41 -14.75 24.17
CA GLU A 294 -1.47 -15.81 24.54
C GLU A 294 -1.26 -16.81 23.41
N GLN A 295 -2.33 -17.16 22.70
CA GLN A 295 -2.22 -18.02 21.52
C GLN A 295 -1.33 -17.39 20.45
N LEU A 296 -1.49 -16.08 20.24
CA LEU A 296 -0.66 -15.34 19.30
C LEU A 296 0.82 -15.43 19.69
N LEU A 297 1.11 -15.19 20.97
CA LEU A 297 2.47 -15.32 21.49
C LEU A 297 3.00 -16.74 21.32
N SER A 298 2.13 -17.72 21.56
CA SER A 298 2.52 -19.13 21.45
C SER A 298 2.88 -19.52 20.02
N GLY A 299 2.16 -18.99 19.04
CA GLY A 299 2.47 -19.22 17.64
C GLY A 299 3.82 -18.66 17.27
N ALA A 300 4.11 -17.45 17.74
CA ALA A 300 5.42 -16.85 17.53
C ALA A 300 6.53 -17.69 18.17
N HIS A 301 6.26 -18.19 19.38
CA HIS A 301 7.20 -19.04 20.09
C HIS A 301 7.51 -20.31 19.32
N TRP A 302 6.47 -20.91 18.73
CA TRP A 302 6.66 -22.10 17.91
C TRP A 302 7.65 -21.80 16.77
N MET A 303 7.41 -20.68 16.07
CA MET A 303 8.27 -20.28 14.95
C MET A 303 9.68 -19.90 15.40
N ASP A 304 9.80 -19.32 16.60
CA ASP A 304 11.10 -19.03 17.19
C ASP A 304 11.90 -20.33 17.37
N GLN A 305 11.24 -21.34 17.88
CA GLN A 305 11.88 -22.64 18.11
C GLN A 305 12.23 -23.33 16.80
N HIS A 306 11.38 -23.15 15.79
CA HIS A 306 11.67 -23.66 14.44
C HIS A 306 12.94 -23.01 13.91
N PHE A 307 13.01 -21.70 14.02
CA PHE A 307 14.16 -20.93 13.57
C PHE A 307 15.45 -21.33 14.31
N LEU A 308 15.33 -21.54 15.62
CA LEU A 308 16.47 -21.82 16.48
C LEU A 308 17.06 -23.23 16.29
N LYS A 309 16.19 -24.20 16.06
CA LYS A 309 16.58 -25.62 16.15
C LYS A 309 16.72 -26.36 14.81
N THR A 310 16.18 -25.77 13.74
CA THR A 310 16.13 -26.43 12.43
C THR A 310 17.38 -26.19 11.58
N PRO A 311 17.92 -27.23 10.95
CA PRO A 311 19.01 -27.08 9.99
C PRO A 311 18.66 -26.07 8.88
N LEU A 312 19.63 -25.26 8.49
CA LEU A 312 19.39 -24.14 7.57
C LEU A 312 18.65 -24.54 6.29
N GLU A 313 18.99 -25.69 5.73
CA GLU A 313 18.39 -26.19 4.49
C GLU A 313 16.88 -26.46 4.57
N LYS A 314 16.36 -26.61 5.79
CA LYS A 314 14.93 -26.89 6.02
C LYS A 314 14.28 -25.85 6.94
N ASN A 315 14.94 -24.70 7.07
CA ASN A 315 14.56 -23.64 8.01
C ASN A 315 13.81 -22.55 7.26
N ALA A 316 12.51 -22.42 7.53
CA ALA A 316 11.62 -21.56 6.73
C ALA A 316 12.06 -20.10 6.60
N PRO A 317 12.27 -19.38 7.72
CA PRO A 317 12.72 -17.98 7.61
C PRO A 317 14.07 -17.85 6.91
N VAL A 318 14.96 -18.83 7.09
CA VAL A 318 16.27 -18.78 6.43
C VAL A 318 16.12 -18.92 4.93
N LEU A 319 15.31 -19.89 4.50
CA LEU A 319 15.10 -20.10 3.07
C LEU A 319 14.42 -18.91 2.40
N LEU A 320 13.42 -18.33 3.07
CA LEU A 320 12.76 -17.14 2.54
C LEU A 320 13.77 -15.99 2.42
N ALA A 321 14.62 -15.84 3.42
CA ALA A 321 15.66 -14.80 3.42
C ALA A 321 16.63 -15.00 2.26
N LEU A 322 17.07 -16.23 2.06
CA LEU A 322 18.03 -16.55 1.01
C LEU A 322 17.47 -16.33 -0.38
N LEU A 323 16.21 -16.71 -0.59
CA LEU A 323 15.56 -16.46 -1.86
C LEU A 323 15.53 -14.95 -2.13
N GLY A 324 15.24 -14.19 -1.08
CA GLY A 324 15.27 -12.74 -1.13
C GLY A 324 16.63 -12.20 -1.54
N ILE A 325 17.70 -12.74 -0.94
CA ILE A 325 19.07 -12.34 -1.28
C ILE A 325 19.36 -12.62 -2.75
N TRP A 326 18.95 -13.81 -3.20
CA TRP A 326 19.08 -14.22 -4.60
C TRP A 326 18.46 -13.17 -5.53
N TYR A 327 17.24 -12.73 -5.23
CA TYR A 327 16.55 -11.77 -6.09
C TYR A 327 17.07 -10.34 -5.96
N ILE A 328 17.47 -9.96 -4.75
CA ILE A 328 17.94 -8.59 -4.50
C ILE A 328 19.38 -8.38 -5.02
N ASN A 329 20.28 -9.28 -4.62
CA ASN A 329 21.71 -9.07 -4.88
C ASN A 329 22.24 -9.71 -6.17
N CYS A 330 21.49 -10.65 -6.74
CA CYS A 330 21.90 -11.25 -8.02
C CYS A 330 21.02 -10.78 -9.17
N TYR A 331 19.70 -10.79 -9.00
CA TYR A 331 18.79 -10.29 -10.03
C TYR A 331 18.56 -8.76 -9.99
N GLY A 332 18.83 -8.13 -8.85
CA GLY A 332 18.68 -6.69 -8.72
C GLY A 332 17.24 -6.21 -8.59
N CYS A 333 16.35 -7.05 -8.07
CA CYS A 333 14.95 -6.65 -7.89
C CYS A 333 14.79 -5.69 -6.71
N GLU A 334 14.21 -4.53 -6.98
CA GLU A 334 14.05 -3.48 -5.98
C GLU A 334 12.95 -3.76 -4.97
N THR A 335 11.98 -4.58 -5.36
CA THR A 335 10.77 -4.73 -4.55
C THR A 335 10.42 -6.15 -4.18
N HIS A 336 9.55 -6.26 -3.20
CA HIS A 336 9.02 -7.54 -2.76
C HIS A 336 7.53 -7.31 -2.50
N ALA A 337 6.69 -8.08 -3.19
CA ALA A 337 5.24 -7.94 -3.02
C ALA A 337 4.69 -8.98 -2.06
N LEU A 338 3.87 -8.52 -1.12
CA LEU A 338 3.16 -9.38 -0.18
C LEU A 338 1.69 -9.35 -0.55
N LEU A 339 1.16 -10.52 -0.93
CA LEU A 339 -0.18 -10.61 -1.50
C LEU A 339 -1.04 -11.65 -0.78
N PRO A 340 -1.58 -11.30 0.39
CA PRO A 340 -2.43 -12.23 1.14
C PRO A 340 -3.82 -12.29 0.53
N TYR A 341 -4.31 -13.49 0.26
CA TYR A 341 -5.64 -13.69 -0.28
C TYR A 341 -6.62 -13.80 0.89
N ASP A 342 -6.78 -12.67 1.58
CA ASP A 342 -7.51 -12.62 2.82
C ASP A 342 -7.77 -11.15 3.18
N GLN A 343 -9.05 -10.79 3.16
CA GLN A 343 -9.47 -9.42 3.46
C GLN A 343 -9.10 -9.01 4.88
N TYR A 344 -9.15 -9.96 5.81
CA TYR A 344 -8.77 -9.68 7.20
C TYR A 344 -7.29 -9.28 7.31
N MET A 345 -6.48 -9.77 6.37
CA MET A 345 -5.05 -9.46 6.32
C MET A 345 -4.71 -8.20 5.52
N HIS A 346 -5.68 -7.29 5.34
CA HIS A 346 -5.48 -6.13 4.48
C HIS A 346 -4.43 -5.13 4.97
N ARG A 347 -3.99 -5.27 6.23
CA ARG A 347 -2.94 -4.39 6.75
C ARG A 347 -1.61 -5.12 6.98
N PHE A 348 -1.53 -6.37 6.53
CA PHE A 348 -0.31 -7.18 6.64
C PHE A 348 0.89 -6.58 5.89
N ALA A 349 0.67 -6.16 4.64
CA ALA A 349 1.75 -5.56 3.86
C ALA A 349 2.25 -4.26 4.48
N ALA A 350 1.32 -3.43 4.93
CA ALA A 350 1.67 -2.16 5.56
C ALA A 350 2.53 -2.38 6.82
N TYR A 351 2.22 -3.44 7.55
CA TYR A 351 2.96 -3.80 8.75
C TYR A 351 4.41 -4.12 8.40
N PHE A 352 4.59 -4.95 7.38
CA PHE A 352 5.94 -5.34 7.00
C PHE A 352 6.69 -4.29 6.20
N GLN A 353 6.00 -3.23 5.78
CA GLN A 353 6.71 -2.06 5.27
C GLN A 353 7.60 -1.50 6.36
N GLN A 354 7.08 -1.37 7.59
CA GLN A 354 7.94 -0.96 8.69
C GLN A 354 8.91 -2.07 9.06
N GLY A 355 8.37 -3.26 9.31
CA GLY A 355 9.17 -4.37 9.79
C GLY A 355 10.39 -4.60 8.92
N ASP A 356 10.20 -4.60 7.61
CA ASP A 356 11.27 -4.89 6.68
C ASP A 356 12.08 -3.63 6.39
N MET A 357 11.39 -2.58 5.94
CA MET A 357 12.07 -1.41 5.41
C MET A 357 12.77 -0.56 6.46
N GLU A 358 12.18 -0.42 7.64
CA GLU A 358 12.86 0.30 8.72
C GLU A 358 14.03 -0.51 9.28
N SER A 359 13.91 -1.84 9.21
CA SER A 359 14.98 -2.71 9.68
C SER A 359 16.16 -2.72 8.72
N ASN A 360 15.88 -2.98 7.44
CA ASN A 360 16.96 -3.25 6.49
C ASN A 360 17.22 -2.19 5.41
N GLY A 361 16.54 -1.07 5.53
CA GLY A 361 16.83 0.10 4.70
C GLY A 361 18.02 0.83 5.29
N LYS A 362 19.19 0.22 5.15
CA LYS A 362 20.42 0.67 5.79
C LYS A 362 21.56 0.68 4.79
N TYR A 363 22.62 1.40 5.10
CA TYR A 363 23.75 1.50 4.17
C TYR A 363 25.14 1.38 4.82
N ILE A 364 25.20 1.30 6.14
CA ILE A 364 26.48 1.16 6.85
C ILE A 364 26.57 -0.20 7.52
N THR A 365 27.70 -0.89 7.31
CA THR A 365 27.89 -2.22 7.90
C THR A 365 28.54 -2.18 9.27
N LYS A 366 28.59 -3.35 9.91
CA LYS A 366 29.21 -3.52 11.22
C LYS A 366 30.67 -3.07 11.25
N SER A 367 31.36 -3.24 10.12
CA SER A 367 32.77 -2.85 9.98
C SER A 367 32.95 -1.33 9.83
N GLY A 368 31.87 -0.61 9.58
CA GLY A 368 31.93 0.82 9.31
C GLY A 368 31.96 1.12 7.82
N ALA A 369 32.06 0.08 7.01
CA ALA A 369 32.07 0.23 5.55
C ALA A 369 30.69 0.55 5.01
N ARG A 370 30.65 1.45 4.05
CA ARG A 370 29.44 1.67 3.27
C ARG A 370 29.20 0.43 2.42
N VAL A 371 27.94 -0.02 2.34
CA VAL A 371 27.62 -1.13 1.45
C VAL A 371 27.91 -0.78 -0.01
N ASP A 372 28.39 -1.77 -0.76
CA ASP A 372 28.57 -1.63 -2.20
C ASP A 372 27.68 -2.63 -2.90
N HIS A 373 26.54 -2.88 -2.27
CA HIS A 373 25.51 -3.79 -2.77
C HIS A 373 24.17 -3.29 -2.25
N GLN A 374 23.10 -3.87 -2.77
CA GLN A 374 21.75 -3.55 -2.33
C GLN A 374 21.46 -4.13 -0.95
N THR A 375 20.66 -3.42 -0.17
CA THR A 375 20.10 -3.97 1.07
C THR A 375 18.58 -4.14 0.91
N GLY A 376 17.81 -3.72 1.91
CA GLY A 376 16.39 -4.03 1.98
C GLY A 376 15.57 -3.58 0.78
N PRO A 377 14.59 -4.39 0.37
CA PRO A 377 13.72 -4.05 -0.76
C PRO A 377 12.55 -3.16 -0.34
N ILE A 378 11.88 -2.58 -1.32
CA ILE A 378 10.62 -1.89 -1.06
C ILE A 378 9.52 -2.94 -0.99
N VAL A 379 8.80 -2.96 0.12
CA VAL A 379 7.71 -3.91 0.35
C VAL A 379 6.40 -3.23 0.02
N TRP A 380 5.51 -3.95 -0.67
CA TRP A 380 4.23 -3.39 -1.07
C TRP A 380 3.24 -4.52 -1.32
N GLY A 381 1.99 -4.17 -1.56
CA GLY A 381 0.99 -5.15 -1.91
C GLY A 381 -0.42 -4.81 -1.44
N GLU A 382 -1.39 -5.53 -1.98
CA GLU A 382 -2.79 -5.42 -1.60
C GLU A 382 -3.35 -6.84 -1.57
N PRO A 383 -4.41 -7.08 -0.78
CA PRO A 383 -5.03 -8.42 -0.75
C PRO A 383 -5.57 -8.88 -2.10
N GLY A 384 -5.46 -10.18 -2.36
CA GLY A 384 -6.14 -10.82 -3.47
C GLY A 384 -7.59 -11.05 -3.06
N THR A 385 -8.55 -10.98 -4.00
CA THR A 385 -8.26 -10.87 -5.44
C THR A 385 -8.17 -9.45 -5.97
N ASN A 386 -8.36 -8.46 -5.09
CA ASN A 386 -8.41 -7.06 -5.53
C ASN A 386 -7.22 -6.65 -6.37
N GLY A 387 -6.03 -7.03 -5.93
CA GLY A 387 -4.79 -6.72 -6.63
C GLY A 387 -4.79 -7.16 -8.08
N GLN A 388 -5.44 -8.30 -8.37
CA GLN A 388 -5.56 -8.81 -9.74
C GLN A 388 -6.21 -7.81 -10.68
N HIS A 389 -7.10 -6.97 -10.13
CA HIS A 389 -7.84 -5.99 -10.90
C HIS A 389 -7.26 -4.59 -10.78
N ALA A 390 -6.08 -4.52 -10.15
CA ALA A 390 -5.39 -3.25 -10.00
C ALA A 390 -4.05 -3.26 -10.70
N PHE A 391 -3.13 -4.11 -10.25
CA PHE A 391 -1.75 -4.01 -10.68
C PHE A 391 -1.09 -5.28 -11.23
N TYR A 392 -1.82 -6.41 -11.24
CA TYR A 392 -1.23 -7.65 -11.75
C TYR A 392 -0.91 -7.55 -13.24
N GLN A 393 -1.60 -6.67 -13.96
CA GLN A 393 -1.23 -6.38 -15.36
C GLN A 393 0.27 -6.14 -15.47
N LEU A 394 0.80 -5.33 -14.56
CA LEU A 394 2.22 -4.99 -14.56
C LEU A 394 3.09 -6.18 -14.16
N ILE A 395 2.62 -6.98 -13.21
CA ILE A 395 3.38 -8.15 -12.77
C ILE A 395 3.51 -9.15 -13.92
N HIS A 396 2.42 -9.33 -14.66
CA HIS A 396 2.40 -10.29 -15.76
C HIS A 396 3.09 -9.82 -17.02
N GLN A 397 2.94 -8.53 -17.36
CA GLN A 397 3.32 -8.02 -18.67
C GLN A 397 4.10 -6.70 -18.65
N GLY A 398 4.60 -6.33 -17.48
CA GLY A 398 5.46 -5.16 -17.37
C GLY A 398 6.91 -5.51 -17.62
N THR A 399 7.81 -4.59 -17.24
CA THR A 399 9.24 -4.76 -17.52
C THR A 399 10.04 -4.97 -16.24
N LYS A 400 9.34 -5.26 -15.15
CA LYS A 400 9.94 -5.40 -13.83
C LYS A 400 9.86 -6.85 -13.35
N MET A 401 10.94 -7.31 -12.73
CA MET A 401 10.92 -8.58 -12.02
C MET A 401 10.55 -8.33 -10.56
N ILE A 402 9.46 -8.97 -10.12
CA ILE A 402 8.87 -8.69 -8.80
C ILE A 402 8.60 -10.00 -8.06
N PRO A 403 9.50 -10.39 -7.15
CA PRO A 403 9.24 -11.56 -6.31
C PRO A 403 7.97 -11.34 -5.49
N CYS A 404 7.06 -12.31 -5.50
CA CYS A 404 5.80 -12.18 -4.78
C CYS A 404 5.61 -13.31 -3.79
N ASP A 405 5.14 -12.97 -2.60
CA ASP A 405 4.66 -13.96 -1.64
C ASP A 405 3.14 -13.95 -1.67
N PHE A 406 2.55 -15.07 -2.07
CA PHE A 406 1.11 -15.28 -2.04
C PHE A 406 0.77 -16.04 -0.77
N LEU A 407 -0.17 -15.52 0.03
CA LEU A 407 -0.56 -16.17 1.29
C LEU A 407 -2.07 -16.40 1.31
N ILE A 408 -2.49 -17.54 1.87
CA ILE A 408 -3.92 -17.83 2.02
C ILE A 408 -4.18 -18.88 3.10
N PRO A 409 -5.24 -18.70 3.89
CA PRO A 409 -5.75 -19.80 4.72
C PRO A 409 -6.62 -20.78 3.92
N VAL A 410 -6.47 -22.07 4.21
CA VAL A 410 -7.30 -23.11 3.59
C VAL A 410 -8.76 -22.95 4.04
N GLN A 411 -8.94 -22.69 5.34
CA GLN A 411 -10.25 -22.55 5.94
C GLN A 411 -10.56 -21.08 6.15
N THR A 412 -11.72 -20.66 5.66
CA THR A 412 -12.18 -19.29 5.83
C THR A 412 -12.97 -19.14 7.13
N GLN A 413 -12.92 -17.93 7.68
CA GLN A 413 -13.70 -17.57 8.85
C GLN A 413 -15.18 -17.39 8.51
N HIS A 414 -15.48 -17.24 7.21
CA HIS A 414 -16.84 -16.98 6.75
C HIS A 414 -17.20 -17.84 5.53
N PRO A 415 -17.48 -19.12 5.76
CA PRO A 415 -17.76 -20.06 4.67
C PRO A 415 -19.18 -19.92 4.11
N ILE A 416 -19.50 -18.71 3.68
CA ILE A 416 -20.83 -18.38 3.15
C ILE A 416 -21.11 -19.10 1.84
N ARG A 417 -22.40 -19.25 1.51
CA ARG A 417 -22.85 -19.93 0.28
C ARG A 417 -22.18 -21.30 0.13
N LYS A 418 -22.15 -22.05 1.23
CA LYS A 418 -21.58 -23.40 1.29
C LYS A 418 -20.13 -23.47 0.79
N GLY A 419 -19.39 -22.39 0.99
CA GLY A 419 -17.98 -22.34 0.62
C GLY A 419 -17.67 -21.79 -0.76
N LEU A 420 -18.68 -21.27 -1.46
CA LEU A 420 -18.51 -20.82 -2.85
C LEU A 420 -17.48 -19.70 -3.01
N HIS A 421 -17.57 -18.69 -2.14
CA HIS A 421 -16.64 -17.56 -2.22
C HIS A 421 -15.19 -18.01 -1.99
N HIS A 422 -14.98 -18.86 -0.99
CA HIS A 422 -13.63 -19.35 -0.71
C HIS A 422 -13.07 -20.27 -1.78
N LYS A 423 -13.94 -21.05 -2.41
CA LYS A 423 -13.55 -21.85 -3.58
C LYS A 423 -12.98 -20.96 -4.68
N ILE A 424 -13.69 -19.90 -5.01
CA ILE A 424 -13.26 -18.95 -6.03
C ILE A 424 -11.95 -18.27 -5.61
N LEU A 425 -11.88 -17.84 -4.35
CA LEU A 425 -10.67 -17.21 -3.82
C LEU A 425 -9.43 -18.11 -3.95
N LEU A 426 -9.57 -19.37 -3.54
CA LEU A 426 -8.50 -20.35 -3.66
C LEU A 426 -8.10 -20.60 -5.12
N ALA A 427 -9.10 -20.69 -6.01
CA ALA A 427 -8.85 -20.92 -7.43
C ALA A 427 -7.99 -19.82 -8.02
N ASN A 428 -8.31 -18.57 -7.67
CA ASN A 428 -7.52 -17.42 -8.11
C ASN A 428 -6.10 -17.39 -7.52
N PHE A 429 -5.98 -17.72 -6.24
CA PHE A 429 -4.68 -17.80 -5.56
C PHE A 429 -3.77 -18.77 -6.31
N LEU A 430 -4.31 -19.94 -6.64
CA LEU A 430 -3.57 -21.00 -7.31
C LEU A 430 -3.25 -20.66 -8.75
N ALA A 431 -4.22 -20.10 -9.46
CA ALA A 431 -4.09 -19.76 -10.87
C ALA A 431 -3.07 -18.68 -11.13
N GLN A 432 -3.00 -17.70 -10.23
CA GLN A 432 -2.14 -16.56 -10.48
C GLN A 432 -0.68 -16.95 -10.45
N THR A 433 -0.28 -17.76 -9.49
CA THR A 433 1.12 -18.19 -9.44
C THR A 433 1.43 -19.18 -10.55
N GLU A 434 0.45 -20.00 -10.90
CA GLU A 434 0.58 -20.87 -12.07
C GLU A 434 0.79 -20.05 -13.34
N ALA A 435 -0.02 -19.00 -13.51
CA ALA A 435 0.06 -18.11 -14.66
C ALA A 435 1.40 -17.39 -14.73
N LEU A 436 1.88 -16.92 -13.57
CA LEU A 436 3.13 -16.18 -13.51
C LEU A 436 4.32 -17.05 -13.91
N MET A 437 4.26 -18.30 -13.46
CA MET A 437 5.26 -19.33 -13.77
C MET A 437 5.24 -19.71 -15.25
N LYS A 438 4.06 -20.08 -15.73
CA LYS A 438 3.90 -20.74 -17.03
C LYS A 438 3.95 -19.77 -18.21
N GLY A 439 3.27 -18.64 -18.07
CA GLY A 439 3.08 -17.73 -19.19
C GLY A 439 2.26 -18.35 -20.32
N LYS A 440 2.37 -17.74 -21.49
CA LYS A 440 1.66 -18.19 -22.70
C LYS A 440 2.52 -17.87 -23.92
N LEU A 441 2.96 -18.93 -24.60
CA LEU A 441 3.85 -18.79 -25.74
C LEU A 441 3.13 -18.20 -26.96
N PRO A 442 3.88 -17.54 -27.85
CA PRO A 442 3.30 -17.01 -29.09
C PRO A 442 2.46 -18.05 -29.83
N GLU A 443 2.95 -19.29 -29.96
CA GLU A 443 2.18 -20.32 -30.66
C GLU A 443 0.91 -20.73 -29.92
N GLU A 444 0.94 -20.68 -28.58
CA GLU A 444 -0.24 -20.95 -27.77
C GLU A 444 -1.29 -19.85 -27.95
N ALA A 445 -0.83 -18.59 -27.93
CA ALA A 445 -1.69 -17.43 -28.18
C ALA A 445 -2.24 -17.43 -29.60
N ARG A 446 -1.42 -17.84 -30.56
CA ARG A 446 -1.84 -17.91 -31.96
C ARG A 446 -3.03 -18.84 -32.14
N LYS A 447 -2.96 -20.02 -31.53
CA LYS A 447 -4.02 -21.00 -31.62
C LYS A 447 -5.33 -20.49 -31.02
N GLU A 448 -5.22 -19.77 -29.90
CA GLU A 448 -6.40 -19.18 -29.25
C GLU A 448 -7.08 -18.15 -30.14
N LEU A 449 -6.29 -17.29 -30.77
CA LEU A 449 -6.81 -16.26 -31.67
C LEU A 449 -7.42 -16.87 -32.93
N GLN A 450 -6.78 -17.93 -33.44
CA GLN A 450 -7.31 -18.66 -34.58
C GLN A 450 -8.67 -19.28 -34.26
N ALA A 451 -8.79 -19.87 -33.07
CA ALA A 451 -10.04 -20.48 -32.62
C ALA A 451 -11.15 -19.45 -32.43
N ALA A 452 -10.77 -18.21 -32.10
CA ALA A 452 -11.73 -17.13 -31.90
C ALA A 452 -12.28 -16.56 -33.21
N GLY A 453 -11.70 -17.01 -34.33
CA GLY A 453 -12.16 -16.59 -35.64
C GLY A 453 -11.54 -15.28 -36.11
N LYS A 454 -10.32 -14.99 -35.65
CA LYS A 454 -9.62 -13.79 -36.05
C LYS A 454 -9.01 -13.94 -37.44
N SER A 455 -9.20 -12.90 -38.27
CA SER A 455 -8.59 -12.85 -39.59
C SER A 455 -7.06 -12.80 -39.48
N PRO A 456 -6.34 -13.29 -40.49
CA PRO A 456 -4.88 -13.23 -40.51
C PRO A 456 -4.34 -11.83 -40.15
N GLU A 457 -5.02 -10.79 -40.62
CA GLU A 457 -4.65 -9.40 -40.29
C GLU A 457 -4.87 -9.08 -38.81
N ASP A 458 -6.07 -9.40 -38.31
CA ASP A 458 -6.43 -9.13 -36.92
C ASP A 458 -5.62 -9.97 -35.93
N LEU A 459 -5.32 -11.20 -36.31
CA LEU A 459 -4.50 -12.10 -35.50
C LEU A 459 -3.10 -11.55 -35.32
N GLU A 460 -2.45 -11.22 -36.43
CA GLU A 460 -1.07 -10.72 -36.44
C GLU A 460 -0.92 -9.43 -35.64
N LYS A 461 -1.94 -8.57 -35.71
CA LYS A 461 -1.96 -7.29 -34.99
C LYS A 461 -2.04 -7.49 -33.48
N LEU A 462 -2.88 -8.44 -33.06
CA LEU A 462 -3.17 -8.67 -31.65
C LEU A 462 -2.19 -9.62 -30.98
N LEU A 463 -1.59 -10.52 -31.76
CA LEU A 463 -0.75 -11.61 -31.23
C LEU A 463 0.26 -11.22 -30.14
N PRO A 464 1.18 -10.28 -30.40
CA PRO A 464 2.25 -10.01 -29.44
C PRO A 464 1.71 -9.51 -28.10
N HIS A 465 0.56 -8.82 -28.14
CA HIS A 465 -0.09 -8.30 -26.93
C HIS A 465 -0.67 -9.39 -26.03
N LYS A 466 -0.89 -10.58 -26.61
CA LYS A 466 -1.52 -11.69 -25.90
C LYS A 466 -0.49 -12.67 -25.33
N VAL A 467 0.78 -12.40 -25.60
CA VAL A 467 1.86 -13.29 -25.16
C VAL A 467 2.25 -12.97 -23.72
N PHE A 468 2.40 -14.02 -22.92
CA PHE A 468 2.85 -13.87 -21.54
C PHE A 468 4.21 -14.55 -21.45
N GLU A 469 5.25 -13.78 -21.18
CA GLU A 469 6.59 -14.34 -21.14
C GLU A 469 6.80 -15.32 -19.98
N GLY A 470 6.03 -15.14 -18.90
CA GLY A 470 6.12 -16.02 -17.75
C GLY A 470 7.48 -16.01 -17.06
N ASN A 471 7.83 -17.13 -16.44
CA ASN A 471 9.08 -17.26 -15.68
C ASN A 471 9.17 -16.26 -14.52
N ARG A 472 8.00 -15.88 -14.01
CA ARG A 472 7.92 -14.93 -12.91
C ARG A 472 7.76 -15.69 -11.60
N PRO A 473 8.74 -15.53 -10.71
CA PRO A 473 8.81 -16.37 -9.51
C PRO A 473 7.93 -15.92 -8.36
N THR A 474 7.36 -16.90 -7.66
CA THR A 474 6.53 -16.66 -6.50
C THR A 474 6.81 -17.66 -5.39
N ASN A 475 6.48 -17.26 -4.17
CA ASN A 475 6.32 -18.17 -3.04
C ASN A 475 4.83 -18.31 -2.80
N SER A 476 4.40 -19.51 -2.43
CA SER A 476 3.03 -19.72 -1.98
C SER A 476 3.07 -20.19 -0.54
N ILE A 477 2.43 -19.43 0.34
CA ILE A 477 2.41 -19.79 1.75
C ILE A 477 0.97 -20.04 2.14
N VAL A 478 0.67 -21.31 2.44
CA VAL A 478 -0.69 -21.76 2.66
C VAL A 478 -0.76 -22.36 4.06
N PHE A 479 -1.78 -22.00 4.81
CA PHE A 479 -1.89 -22.42 6.20
C PHE A 479 -3.31 -22.86 6.48
N THR A 480 -3.48 -23.71 7.47
CA THR A 480 -4.77 -24.34 7.75
C THR A 480 -5.90 -23.31 7.93
N LYS A 481 -5.66 -22.33 8.79
CA LYS A 481 -6.64 -21.31 9.11
C LYS A 481 -5.90 -20.13 9.70
N LEU A 482 -6.42 -18.92 9.53
CA LEU A 482 -5.78 -17.77 10.17
C LEU A 482 -6.32 -17.59 11.58
N THR A 483 -5.78 -18.40 12.49
CA THR A 483 -6.08 -18.32 13.91
C THR A 483 -5.06 -17.40 14.57
N PRO A 484 -5.31 -16.99 15.81
CA PRO A 484 -4.28 -16.25 16.56
C PRO A 484 -2.91 -16.95 16.55
N PHE A 485 -2.89 -18.26 16.81
CA PHE A 485 -1.64 -19.03 16.83
C PHE A 485 -0.91 -18.97 15.49
N ILE A 486 -1.63 -19.25 14.41
CA ILE A 486 -1.02 -19.30 13.09
C ILE A 486 -0.55 -17.91 12.65
N LEU A 487 -1.33 -16.88 12.98
CA LEU A 487 -0.91 -15.52 12.67
C LEU A 487 0.41 -15.20 13.39
N GLY A 488 0.50 -15.60 14.66
CA GLY A 488 1.72 -15.38 15.44
C GLY A 488 2.92 -16.04 14.81
N ALA A 489 2.75 -17.27 14.34
CA ALA A 489 3.80 -17.99 13.64
C ALA A 489 4.22 -17.31 12.34
N LEU A 490 3.24 -16.78 11.58
CA LEU A 490 3.51 -16.13 10.31
C LEU A 490 4.28 -14.83 10.49
N ILE A 491 3.90 -14.03 11.47
CA ILE A 491 4.59 -12.77 11.71
C ILE A 491 6.04 -13.04 12.14
N ALA A 492 6.21 -13.97 13.08
CA ALA A 492 7.54 -14.33 13.57
C ALA A 492 8.43 -14.85 12.43
N MET A 493 7.84 -15.63 11.52
CA MET A 493 8.57 -16.16 10.36
C MET A 493 9.20 -15.03 9.53
N TYR A 494 8.42 -13.98 9.25
CA TYR A 494 8.93 -12.82 8.53
C TYR A 494 9.92 -11.99 9.34
N GLU A 495 9.68 -11.86 10.66
CA GLU A 495 10.65 -11.18 11.53
C GLU A 495 12.03 -11.84 11.38
N HIS A 496 12.04 -13.16 11.40
CA HIS A 496 13.30 -13.90 11.31
C HIS A 496 13.92 -13.89 9.92
N LYS A 497 13.08 -13.85 8.88
CA LYS A 497 13.56 -13.64 7.52
C LYS A 497 14.33 -12.32 7.46
N ILE A 498 13.74 -11.28 8.04
CA ILE A 498 14.34 -9.95 8.05
C ILE A 498 15.67 -9.96 8.80
N PHE A 499 15.70 -10.67 9.94
CA PHE A 499 16.93 -10.82 10.72
C PHE A 499 18.03 -11.48 9.89
N VAL A 500 17.70 -12.60 9.25
CA VAL A 500 18.69 -13.34 8.47
C VAL A 500 19.28 -12.46 7.35
N GLN A 501 18.42 -11.72 6.64
CA GLN A 501 18.91 -10.86 5.57
C GLN A 501 19.86 -9.79 6.10
N GLY A 502 19.49 -9.19 7.23
CA GLY A 502 20.33 -8.19 7.90
C GLY A 502 21.71 -8.70 8.26
N ILE A 503 21.78 -9.92 8.80
CA ILE A 503 23.07 -10.52 9.15
C ILE A 503 23.92 -10.73 7.91
N MET A 504 23.31 -11.24 6.86
CA MET A 504 24.02 -11.50 5.62
C MET A 504 24.55 -10.23 4.95
N TRP A 505 23.80 -9.12 5.09
CA TRP A 505 24.24 -7.83 4.58
C TRP A 505 25.21 -7.12 5.52
N ASP A 506 25.38 -7.67 6.72
CA ASP A 506 26.27 -7.11 7.75
C ASP A 506 25.78 -5.76 8.28
N ILE A 507 24.48 -5.52 8.19
CA ILE A 507 23.89 -4.28 8.70
C ILE A 507 23.18 -4.51 10.03
N ASN A 508 22.82 -3.42 10.69
CA ASN A 508 22.06 -3.48 11.92
C ASN A 508 20.56 -3.36 11.62
N SER A 509 19.85 -4.48 11.74
CA SER A 509 18.41 -4.51 11.46
C SER A 509 17.59 -3.81 12.54
N PHE A 510 18.26 -3.37 13.61
CA PHE A 510 17.54 -3.03 14.82
C PHE A 510 17.62 -1.60 15.31
N ASP A 511 18.36 -0.76 14.58
CA ASP A 511 18.36 0.68 14.83
C ASP A 511 17.53 1.39 13.76
N GLN A 512 17.42 2.71 13.88
CA GLN A 512 16.69 3.53 12.89
C GLN A 512 17.15 4.98 12.95
N TRP A 513 18.43 5.19 12.66
CA TRP A 513 19.01 6.53 12.71
C TRP A 513 18.46 7.43 11.60
N GLY A 514 17.90 6.82 10.57
CA GLY A 514 17.43 7.53 9.38
C GLY A 514 16.19 8.40 9.54
N VAL A 515 15.61 8.37 10.73
CA VAL A 515 14.42 9.17 11.01
C VAL A 515 14.74 10.52 11.68
N GLU A 516 15.99 10.68 12.12
CA GLU A 516 16.35 11.83 12.95
C GLU A 516 16.30 13.17 12.21
N LEU A 517 16.86 13.21 11.00
CA LEU A 517 17.00 14.48 10.28
C LEU A 517 15.64 15.15 10.01
N GLY A 518 14.66 14.37 9.57
CA GLY A 518 13.33 14.89 9.31
C GLY A 518 12.69 15.49 10.56
N LYS A 519 12.89 14.85 11.72
CA LYS A 519 12.38 15.35 12.99
C LYS A 519 13.02 16.69 13.33
N GLN A 520 14.34 16.79 13.15
CA GLN A 520 15.08 18.00 13.46
C GLN A 520 14.59 19.17 12.60
N LEU A 521 14.48 18.93 11.30
CA LEU A 521 14.11 19.98 10.37
C LEU A 521 12.67 20.43 10.55
N ALA A 522 11.80 19.52 10.97
CA ALA A 522 10.40 19.89 11.24
C ALA A 522 10.28 20.80 12.45
N LYS A 523 11.10 20.56 13.48
CA LYS A 523 11.09 21.41 14.66
C LYS A 523 11.49 22.85 14.32
N LYS A 524 12.39 23.00 13.34
CA LYS A 524 12.85 24.31 12.90
C LYS A 524 11.77 25.06 12.11
N ILE A 525 11.00 24.33 11.33
CA ILE A 525 9.98 24.93 10.45
C ILE A 525 8.72 25.32 11.20
N GLU A 526 8.36 24.54 12.22
CA GLU A 526 7.12 24.73 12.97
C GLU A 526 6.81 26.19 13.33
N PRO A 527 7.69 26.88 14.06
CA PRO A 527 7.41 28.27 14.46
C PRO A 527 7.45 29.29 13.32
N GLU A 528 8.08 28.93 12.19
CA GLU A 528 8.17 29.82 11.04
C GLU A 528 6.84 29.95 10.28
N LEU A 529 5.92 29.01 10.52
CA LEU A 529 4.64 29.02 9.84
C LEU A 529 3.68 30.08 10.39
N GLU A 530 3.85 30.42 11.67
CA GLU A 530 3.07 31.46 12.34
C GLU A 530 3.39 32.84 11.79
N GLY A 531 2.36 33.69 11.69
CA GLY A 531 2.53 35.04 11.16
C GLY A 531 2.52 35.09 9.65
N SER A 532 2.46 36.29 9.08
CA SER A 532 2.36 36.46 7.64
C SER A 532 3.70 36.82 6.98
N SER A 533 4.75 36.95 7.80
CA SER A 533 6.07 37.33 7.31
C SER A 533 6.74 36.26 6.46
N ALA A 534 7.51 36.71 5.47
CA ALA A 534 8.18 35.82 4.53
C ALA A 534 9.36 35.10 5.17
N VAL A 535 9.49 33.81 4.85
CA VAL A 535 10.60 32.99 5.32
C VAL A 535 11.65 32.89 4.21
N THR A 536 12.89 33.22 4.56
CA THR A 536 13.99 33.23 3.60
C THR A 536 15.15 32.36 4.08
N SER A 537 14.93 31.63 5.17
CA SER A 537 15.98 30.90 5.89
C SER A 537 16.41 29.57 5.26
N HIS A 538 15.60 29.04 4.35
CA HIS A 538 15.90 27.74 3.73
C HIS A 538 16.28 27.89 2.27
N ASP A 539 16.39 26.76 1.57
CA ASP A 539 16.50 26.74 0.12
C ASP A 539 15.24 27.37 -0.49
N SER A 540 15.34 27.82 -1.73
CA SER A 540 14.21 28.51 -2.37
C SER A 540 12.93 27.68 -2.50
N SER A 541 13.04 26.35 -2.59
CA SER A 541 11.84 25.50 -2.64
C SER A 541 11.09 25.53 -1.32
N THR A 542 11.78 25.21 -0.23
CA THR A 542 11.17 25.27 1.10
C THR A 542 10.59 26.66 1.38
N ASN A 543 11.36 27.71 1.07
CA ASN A 543 10.88 29.08 1.20
C ASN A 543 9.62 29.32 0.37
N GLY A 544 9.64 28.86 -0.87
CA GLY A 544 8.54 29.08 -1.80
C GLY A 544 7.27 28.34 -1.40
N LEU A 545 7.45 27.14 -0.87
CA LEU A 545 6.32 26.35 -0.38
C LEU A 545 5.70 26.98 0.86
N ILE A 546 6.55 27.50 1.75
CA ILE A 546 6.08 28.24 2.92
C ILE A 546 5.32 29.50 2.51
N SER A 547 5.85 30.21 1.51
CA SER A 547 5.17 31.39 0.98
C SER A 547 3.78 31.04 0.44
N PHE A 548 3.69 29.92 -0.26
CA PHE A 548 2.41 29.42 -0.78
C PHE A 548 1.42 29.12 0.34
N ILE A 549 1.89 28.42 1.38
CA ILE A 549 1.05 28.11 2.53
C ILE A 549 0.48 29.39 3.16
N LYS A 550 1.35 30.38 3.36
CA LYS A 550 0.94 31.62 4.01
C LYS A 550 -0.04 32.42 3.16
N GLN A 551 0.14 32.37 1.84
CA GLN A 551 -0.73 33.09 0.91
C GLN A 551 -2.10 32.43 0.75
N GLN A 552 -2.12 31.10 0.86
CA GLN A 552 -3.33 30.32 0.55
C GLN A 552 -4.20 29.96 1.75
N ARG A 553 -3.69 30.16 2.96
CA ARG A 553 -4.42 29.68 4.15
C ARG A 553 -5.66 30.48 4.54
N ASP A 554 -5.82 31.68 3.99
CA ASP A 554 -6.99 32.52 4.29
C ASP A 554 -8.06 32.55 3.19
N THR A 555 -7.82 31.86 2.08
CA THR A 555 -8.77 31.82 0.96
C THR A 555 -10.03 31.04 1.32
N LYS A 556 -11.19 31.58 0.96
CA LYS A 556 -12.48 30.95 1.27
C LYS A 556 -12.92 29.99 0.16
N LEU A 557 -13.04 28.72 0.51
CA LEU A 557 -13.52 27.67 -0.40
C LEU A 557 -14.49 26.73 0.31
N MET B 1 15.07 -2.39 -32.45
CA MET B 1 14.71 -1.77 -31.13
C MET B 1 13.25 -1.33 -31.13
N ALA B 2 12.94 -0.33 -30.31
CA ALA B 2 11.59 0.20 -30.20
C ALA B 2 11.61 1.70 -30.48
N ALA B 3 10.43 2.29 -30.65
CA ALA B 3 10.29 3.70 -31.01
C ALA B 3 11.09 4.63 -30.09
N LEU B 4 10.96 4.47 -28.78
CA LEU B 4 11.62 5.37 -27.85
C LEU B 4 13.15 5.31 -27.96
N THR B 5 13.71 4.11 -27.97
CA THR B 5 15.15 3.96 -27.98
C THR B 5 15.79 4.31 -29.33
N ARG B 6 14.99 4.28 -30.40
CA ARG B 6 15.42 4.68 -31.73
C ARG B 6 15.30 6.18 -31.95
N ASN B 7 14.69 6.86 -31.00
CA ASN B 7 14.46 8.30 -31.08
C ASN B 7 15.74 9.06 -30.72
N PRO B 8 16.18 9.97 -31.59
CA PRO B 8 17.45 10.68 -31.37
C PRO B 8 17.41 11.66 -30.19
N GLN B 9 16.26 12.23 -29.87
CA GLN B 9 16.13 13.06 -28.67
C GLN B 9 16.28 12.23 -27.40
N PHE B 10 15.82 10.98 -27.43
CA PHE B 10 16.04 10.08 -26.31
C PHE B 10 17.50 9.69 -26.20
N GLN B 11 18.12 9.41 -27.34
CA GLN B 11 19.53 9.03 -27.35
C GLN B 11 20.40 10.14 -26.78
N LYS B 12 20.08 11.39 -27.15
CA LYS B 12 20.77 12.56 -26.65
C LYS B 12 20.61 12.68 -25.13
N LEU B 13 19.39 12.45 -24.64
CA LEU B 13 19.10 12.54 -23.22
C LEU B 13 19.88 11.50 -22.44
N LEU B 14 19.88 10.27 -22.94
CA LEU B 14 20.55 9.15 -22.32
C LEU B 14 22.07 9.36 -22.30
N GLU B 15 22.62 9.86 -23.40
CA GLU B 15 24.05 10.16 -23.47
C GLU B 15 24.44 11.28 -22.51
N TRP B 16 23.58 12.30 -22.41
CA TRP B 16 23.81 13.38 -21.46
C TRP B 16 23.82 12.85 -20.03
N HIS B 17 22.84 11.99 -19.72
CA HIS B 17 22.76 11.38 -18.40
C HIS B 17 24.04 10.60 -18.07
N ARG B 18 24.50 9.79 -19.03
CA ARG B 18 25.71 8.99 -18.84
C ARG B 18 26.92 9.85 -18.54
N ALA B 19 27.05 10.96 -19.27
CA ALA B 19 28.19 11.85 -19.14
C ALA B 19 28.12 12.81 -17.95
N ASN B 20 26.92 13.23 -17.57
CA ASN B 20 26.76 14.38 -16.67
C ASN B 20 25.95 14.21 -15.38
N SER B 21 25.11 13.18 -15.32
CA SER B 21 24.17 13.05 -14.20
C SER B 21 24.84 12.97 -12.84
N ALA B 22 26.02 12.36 -12.78
CA ALA B 22 26.83 12.28 -11.54
C ALA B 22 27.18 13.66 -10.97
N ASN B 23 27.21 14.68 -11.82
CA ASN B 23 27.52 16.04 -11.38
C ASN B 23 26.32 16.77 -10.79
N LEU B 24 25.12 16.23 -11.00
CA LEU B 24 23.90 16.84 -10.48
C LEU B 24 23.76 16.61 -8.99
N LYS B 25 23.84 17.70 -8.24
CA LYS B 25 23.67 17.68 -6.80
C LYS B 25 22.65 18.74 -6.42
N LEU B 26 21.57 18.31 -5.77
CA LEU B 26 20.47 19.21 -5.44
C LEU B 26 20.93 20.42 -4.63
N ARG B 27 21.75 20.19 -3.62
CA ARG B 27 22.30 21.26 -2.79
C ARG B 27 22.99 22.33 -3.64
N GLU B 28 23.83 21.90 -4.57
CA GLU B 28 24.56 22.79 -5.46
C GLU B 28 23.65 23.54 -6.43
N LEU B 29 22.63 22.84 -6.93
CA LEU B 29 21.69 23.42 -7.88
C LEU B 29 20.94 24.60 -7.26
N PHE B 30 20.54 24.44 -6.00
CA PHE B 30 19.85 25.50 -5.27
C PHE B 30 20.78 26.63 -4.86
N GLU B 31 22.02 26.27 -4.50
CA GLU B 31 23.01 27.26 -4.09
C GLU B 31 23.43 28.16 -5.25
N ALA B 32 23.47 27.59 -6.45
CA ALA B 32 23.94 28.30 -7.64
C ALA B 32 22.90 29.25 -8.24
N ASP B 33 21.63 29.08 -7.86
CA ASP B 33 20.53 29.75 -8.53
C ASP B 33 19.38 30.05 -7.57
N PRO B 34 19.31 31.27 -7.03
CA PRO B 34 18.23 31.64 -6.09
C PRO B 34 16.85 31.64 -6.75
N GLU B 35 16.81 31.62 -8.07
CA GLU B 35 15.57 31.59 -8.82
C GLU B 35 15.08 30.17 -9.13
N ARG B 36 15.75 29.18 -8.56
CA ARG B 36 15.43 27.78 -8.89
C ARG B 36 13.96 27.43 -8.64
N PHE B 37 13.46 27.73 -7.46
CA PHE B 37 12.04 27.45 -7.17
C PHE B 37 11.14 28.15 -8.18
N ASN B 38 11.41 29.42 -8.48
CA ASN B 38 10.61 30.18 -9.44
C ASN B 38 10.62 29.54 -10.82
N ASN B 39 11.77 29.03 -11.24
CA ASN B 39 11.95 28.49 -12.57
C ASN B 39 11.49 27.05 -12.72
N PHE B 40 11.36 26.33 -11.60
CA PHE B 40 11.03 24.90 -11.63
C PHE B 40 9.79 24.59 -10.80
N SER B 41 8.78 25.44 -10.92
CA SER B 41 7.49 25.21 -10.28
C SER B 41 6.39 25.87 -11.07
N LEU B 42 5.17 25.36 -10.90
CA LEU B 42 4.00 25.89 -11.57
C LEU B 42 2.94 26.18 -10.53
N ASN B 43 2.57 27.45 -10.41
CA ASN B 43 1.52 27.85 -9.51
C ASN B 43 0.23 28.05 -10.32
N LEU B 44 -0.61 27.02 -10.31
CA LEU B 44 -1.83 27.02 -11.12
C LEU B 44 -3.00 27.63 -10.38
N ASN B 45 -3.61 28.65 -10.98
CA ASN B 45 -4.82 29.24 -10.43
C ASN B 45 -6.05 28.73 -11.18
N THR B 46 -6.87 27.93 -10.50
CA THR B 46 -8.04 27.31 -11.12
C THR B 46 -9.29 28.17 -11.00
N ASN B 47 -9.17 29.29 -10.29
CA ASN B 47 -10.32 30.13 -9.89
C ASN B 47 -11.15 29.51 -8.76
N HIS B 48 -10.78 28.28 -8.36
CA HIS B 48 -11.41 27.59 -7.24
C HIS B 48 -10.34 27.01 -6.33
N GLY B 49 -9.22 27.71 -6.24
CA GLY B 49 -8.08 27.26 -5.45
C GLY B 49 -6.85 27.16 -6.32
N HIS B 50 -5.70 27.17 -5.67
CA HIS B 50 -4.44 27.06 -6.38
C HIS B 50 -3.86 25.67 -6.19
N ILE B 51 -3.17 25.19 -7.23
CA ILE B 51 -2.38 23.97 -7.13
C ILE B 51 -0.95 24.34 -7.49
N LEU B 52 -0.04 24.20 -6.53
CA LEU B 52 1.37 24.44 -6.75
C LEU B 52 2.08 23.11 -7.01
N VAL B 53 2.62 22.98 -8.22
CA VAL B 53 3.41 21.80 -8.57
C VAL B 53 4.88 22.21 -8.52
N ASP B 54 5.54 21.87 -7.42
CA ASP B 54 6.93 22.27 -7.20
C ASP B 54 7.84 21.11 -7.54
N TYR B 55 8.52 21.20 -8.68
CA TYR B 55 9.39 20.13 -9.13
C TYR B 55 10.87 20.52 -9.02
N SER B 56 11.15 21.53 -8.20
CA SER B 56 12.51 22.07 -8.10
C SER B 56 13.50 21.16 -7.35
N LYS B 57 12.99 20.29 -6.49
CA LYS B 57 13.88 19.37 -5.78
C LYS B 57 14.12 18.11 -6.61
N ASN B 58 14.13 18.27 -7.93
CA ASN B 58 14.47 17.16 -8.82
C ASN B 58 15.86 17.31 -9.39
N LEU B 59 16.46 16.18 -9.77
CA LEU B 59 17.80 16.15 -10.32
C LEU B 59 17.78 16.56 -11.78
N VAL B 60 17.44 17.83 -12.01
CA VAL B 60 17.31 18.38 -13.36
C VAL B 60 17.89 19.77 -13.43
N SER B 61 18.48 20.09 -14.57
CA SER B 61 18.86 21.47 -14.90
C SER B 61 17.94 21.97 -16.00
N LYS B 62 18.06 23.26 -16.33
CA LYS B 62 17.36 23.86 -17.45
C LYS B 62 17.54 23.03 -18.72
N GLU B 63 18.79 22.62 -18.98
CA GLU B 63 19.09 21.84 -20.19
C GLU B 63 18.41 20.47 -20.19
N VAL B 64 18.36 19.82 -19.03
CA VAL B 64 17.66 18.54 -18.91
C VAL B 64 16.17 18.69 -19.22
N MET B 65 15.54 19.72 -18.66
CA MET B 65 14.12 19.98 -18.91
C MET B 65 13.88 20.27 -20.39
N GLN B 66 14.80 21.00 -21.01
CA GLN B 66 14.72 21.29 -22.44
C GLN B 66 14.77 20.00 -23.27
N MET B 67 15.72 19.13 -22.92
CA MET B 67 15.87 17.86 -23.62
C MET B 67 14.62 16.99 -23.46
N LEU B 68 14.05 17.01 -22.26
CA LEU B 68 12.86 16.22 -21.96
C LEU B 68 11.65 16.71 -22.75
N VAL B 69 11.47 18.02 -22.79
CA VAL B 69 10.36 18.62 -23.54
C VAL B 69 10.51 18.32 -25.03
N GLU B 70 11.75 18.41 -25.53
CA GLU B 70 12.02 18.07 -26.94
C GLU B 70 11.68 16.62 -27.27
N LEU B 71 11.97 15.72 -26.32
CA LEU B 71 11.59 14.32 -26.47
C LEU B 71 10.06 14.14 -26.51
N ALA B 72 9.34 14.84 -25.63
CA ALA B 72 7.88 14.75 -25.64
C ALA B 72 7.35 15.14 -27.01
N LYS B 73 7.88 16.24 -27.56
CA LYS B 73 7.45 16.70 -28.87
C LYS B 73 7.77 15.69 -29.97
N SER B 74 8.99 15.17 -29.99
CA SER B 74 9.41 14.23 -31.03
C SER B 74 8.84 12.83 -30.87
N ARG B 75 8.16 12.58 -29.75
CA ARG B 75 7.42 11.33 -29.57
C ARG B 75 5.93 11.50 -29.91
N GLY B 76 5.55 12.71 -30.31
CA GLY B 76 4.21 12.98 -30.80
C GLY B 76 3.15 13.18 -29.74
N VAL B 77 3.57 13.65 -28.56
CA VAL B 77 2.66 13.86 -27.43
C VAL B 77 1.53 14.84 -27.74
N GLU B 78 1.86 15.96 -28.39
CA GLU B 78 0.86 16.97 -28.72
C GLU B 78 -0.21 16.42 -29.66
N ALA B 79 0.23 15.70 -30.69
CA ALA B 79 -0.70 15.09 -31.66
C ALA B 79 -1.56 14.01 -31.01
N ALA B 80 -0.93 13.17 -30.20
CA ALA B 80 -1.64 12.09 -29.51
C ALA B 80 -2.70 12.64 -28.55
N ARG B 81 -2.37 13.70 -27.82
CA ARG B 81 -3.32 14.36 -26.94
C ARG B 81 -4.55 14.83 -27.69
N ASP B 82 -4.33 15.55 -28.79
CA ASP B 82 -5.43 16.06 -29.61
C ASP B 82 -6.32 14.94 -30.15
N ASN B 83 -5.70 13.82 -30.53
CA ASN B 83 -6.42 12.62 -30.97
C ASN B 83 -7.30 12.02 -29.88
N MET B 84 -6.81 12.02 -28.64
CA MET B 84 -7.63 11.54 -27.53
C MET B 84 -8.87 12.40 -27.36
N PHE B 85 -8.67 13.71 -27.35
CA PHE B 85 -9.72 14.69 -27.07
C PHE B 85 -10.76 14.77 -28.18
N SER B 86 -10.37 14.36 -29.38
CA SER B 86 -11.27 14.45 -30.54
C SER B 86 -12.03 13.15 -30.79
N GLY B 87 -11.75 12.12 -30.00
CA GLY B 87 -12.45 10.85 -30.12
C GLY B 87 -11.85 9.84 -31.08
N SER B 88 -10.61 10.07 -31.51
CA SER B 88 -9.88 9.09 -32.32
C SER B 88 -9.72 7.79 -31.53
N LYS B 89 -9.68 6.67 -32.25
CA LYS B 89 -9.67 5.38 -31.60
C LYS B 89 -8.27 4.96 -31.19
N ILE B 90 -7.71 5.71 -30.24
CA ILE B 90 -6.31 5.56 -29.84
C ILE B 90 -6.02 4.33 -28.99
N ASN B 91 -7.07 3.69 -28.48
CA ASN B 91 -6.95 2.38 -27.87
C ASN B 91 -6.92 1.36 -29.01
N TYR B 92 -5.73 1.17 -29.58
CA TYR B 92 -5.59 0.50 -30.88
C TYR B 92 -5.76 -1.01 -30.89
N THR B 93 -5.49 -1.67 -29.76
CA THR B 93 -5.65 -3.12 -29.70
C THR B 93 -7.11 -3.54 -29.59
N GLU B 94 -7.93 -2.64 -29.07
CA GLU B 94 -9.36 -2.91 -28.91
C GLU B 94 -10.21 -2.10 -29.89
N ASP B 95 -9.54 -1.22 -30.64
CA ASP B 95 -10.20 -0.30 -31.58
C ASP B 95 -11.31 0.51 -30.91
N ARG B 96 -10.92 1.26 -29.88
CA ARG B 96 -11.85 2.05 -29.08
C ARG B 96 -11.35 3.47 -28.94
N ALA B 97 -12.28 4.41 -28.83
CA ALA B 97 -11.95 5.77 -28.39
C ALA B 97 -11.58 5.75 -26.91
N VAL B 98 -10.98 6.83 -26.45
CA VAL B 98 -10.57 6.97 -25.04
C VAL B 98 -11.10 8.32 -24.59
N LEU B 99 -12.26 8.30 -23.94
CA LEU B 99 -13.00 9.53 -23.74
C LEU B 99 -13.50 9.76 -22.32
N HIS B 100 -12.67 9.46 -21.33
CA HIS B 100 -12.99 9.90 -19.98
C HIS B 100 -13.10 11.43 -19.91
N VAL B 101 -12.38 12.14 -20.78
CA VAL B 101 -12.50 13.60 -20.84
C VAL B 101 -13.92 14.08 -21.23
N ALA B 102 -14.62 13.29 -22.03
CA ALA B 102 -16.00 13.60 -22.41
C ALA B 102 -16.96 13.54 -21.22
N LEU B 103 -16.70 12.64 -20.29
CA LEU B 103 -17.56 12.45 -19.13
C LEU B 103 -17.68 13.71 -18.27
N ARG B 104 -16.61 14.48 -18.23
CA ARG B 104 -16.53 15.70 -17.44
C ARG B 104 -16.41 16.95 -18.33
N ASN B 105 -16.83 16.80 -19.59
CA ASN B 105 -16.80 17.93 -20.53
C ASN B 105 -17.91 18.93 -20.23
N ARG B 106 -17.66 19.79 -19.24
CA ARG B 106 -18.65 20.77 -18.75
C ARG B 106 -19.01 21.84 -19.77
N SER B 107 -18.12 22.09 -20.73
CA SER B 107 -18.34 23.07 -21.78
C SER B 107 -19.38 22.61 -22.80
N ASN B 108 -19.61 21.30 -22.84
CA ASN B 108 -20.55 20.66 -23.78
C ASN B 108 -20.20 20.85 -25.25
N THR B 109 -18.96 21.24 -25.52
CA THR B 109 -18.46 21.27 -26.89
C THR B 109 -18.50 19.85 -27.46
N PRO B 110 -19.08 19.69 -28.65
CA PRO B 110 -19.25 18.36 -29.24
C PRO B 110 -17.97 17.54 -29.32
N ILE B 111 -18.07 16.28 -28.91
CA ILE B 111 -17.01 15.30 -29.10
C ILE B 111 -17.63 14.12 -29.80
N LYS B 112 -17.12 13.81 -30.99
CA LYS B 112 -17.73 12.78 -31.83
C LYS B 112 -16.99 11.45 -31.81
N VAL B 113 -17.75 10.37 -31.69
CA VAL B 113 -17.26 9.02 -31.96
C VAL B 113 -18.12 8.48 -33.10
N ASP B 114 -17.46 8.12 -34.20
CA ASP B 114 -18.14 7.69 -35.43
C ASP B 114 -19.15 8.73 -35.92
N GLY B 115 -18.72 9.98 -35.98
CA GLY B 115 -19.55 11.09 -36.47
C GLY B 115 -20.69 11.53 -35.56
N LYS B 116 -20.83 10.88 -34.40
CA LYS B 116 -21.93 11.18 -33.48
C LYS B 116 -21.44 11.78 -32.17
N ASP B 117 -21.98 12.95 -31.82
CA ASP B 117 -21.68 13.64 -30.56
C ASP B 117 -22.09 12.76 -29.38
N VAL B 118 -21.13 12.50 -28.49
CA VAL B 118 -21.36 11.67 -27.31
C VAL B 118 -21.97 12.44 -26.13
N MET B 119 -21.93 13.78 -26.23
CA MET B 119 -22.33 14.64 -25.10
C MET B 119 -23.80 14.54 -24.66
N PRO B 120 -24.76 14.49 -25.59
CA PRO B 120 -26.16 14.29 -25.20
C PRO B 120 -26.38 13.04 -24.33
N GLU B 121 -25.73 11.92 -24.66
CA GLU B 121 -25.86 10.71 -23.86
C GLU B 121 -25.12 10.79 -22.52
N VAL B 122 -23.96 11.45 -22.51
CA VAL B 122 -23.23 11.69 -21.26
C VAL B 122 -24.14 12.47 -20.31
N ASN B 123 -24.74 13.54 -20.84
CA ASN B 123 -25.60 14.41 -20.05
C ASN B 123 -26.93 13.77 -19.65
N ARG B 124 -27.45 12.88 -20.50
CA ARG B 124 -28.67 12.12 -20.18
C ARG B 124 -28.46 11.26 -18.93
N VAL B 125 -27.33 10.53 -18.90
CA VAL B 125 -27.02 9.67 -17.76
C VAL B 125 -26.73 10.51 -16.50
N LEU B 126 -26.03 11.64 -16.66
CA LEU B 126 -25.81 12.54 -15.52
C LEU B 126 -27.13 13.06 -14.94
N ASP B 127 -28.07 13.41 -15.82
CA ASP B 127 -29.39 13.86 -15.38
C ASP B 127 -30.14 12.77 -14.62
N LYS B 128 -30.02 11.53 -15.09
CA LYS B 128 -30.61 10.37 -14.44
C LYS B 128 -29.99 10.18 -13.05
N MET B 129 -28.67 10.33 -12.96
CA MET B 129 -27.95 10.22 -11.70
C MET B 129 -28.43 11.28 -10.71
N LYS B 130 -28.58 12.51 -11.20
CA LYS B 130 -29.04 13.63 -10.38
C LYS B 130 -30.44 13.38 -9.80
N SER B 131 -31.35 12.88 -10.64
CA SER B 131 -32.71 12.58 -10.21
C SER B 131 -32.75 11.46 -9.17
N PHE B 132 -31.95 10.41 -9.41
CA PHE B 132 -31.85 9.28 -8.50
C PHE B 132 -31.28 9.71 -7.16
N CYS B 133 -30.26 10.58 -7.19
CA CYS B 133 -29.67 11.10 -5.97
C CYS B 133 -30.68 11.90 -5.15
N GLN B 134 -31.51 12.69 -5.83
CA GLN B 134 -32.58 13.44 -5.15
C GLN B 134 -33.53 12.47 -4.44
N ARG B 135 -33.98 11.45 -5.16
CA ARG B 135 -34.96 10.50 -4.64
C ARG B 135 -34.42 9.75 -3.42
N VAL B 136 -33.16 9.32 -3.50
CA VAL B 136 -32.55 8.55 -2.42
C VAL B 136 -32.20 9.43 -1.22
N ARG B 137 -31.50 10.53 -1.46
CA ARG B 137 -31.05 11.39 -0.37
C ARG B 137 -32.19 12.09 0.39
N SER B 138 -33.27 12.44 -0.32
CA SER B 138 -34.42 13.10 0.30
C SER B 138 -35.23 12.15 1.18
N GLY B 139 -35.07 10.85 0.95
CA GLY B 139 -35.83 9.84 1.65
C GLY B 139 -37.08 9.41 0.92
N ASP B 140 -37.33 10.00 -0.25
CA ASP B 140 -38.52 9.70 -1.05
C ASP B 140 -38.49 8.28 -1.62
N TRP B 141 -37.30 7.82 -2.00
CA TRP B 141 -37.11 6.43 -2.43
C TRP B 141 -37.22 5.51 -1.21
N LYS B 142 -38.27 4.68 -1.20
CA LYS B 142 -38.53 3.82 -0.05
C LYS B 142 -38.10 2.38 -0.30
N GLY B 143 -37.64 1.74 0.77
CA GLY B 143 -37.33 0.32 0.72
C GLY B 143 -38.62 -0.50 0.77
N TYR B 144 -38.48 -1.82 0.76
CA TYR B 144 -39.63 -2.72 0.63
C TYR B 144 -40.65 -2.64 1.78
N THR B 145 -40.23 -2.12 2.93
CA THR B 145 -41.13 -1.89 4.07
C THR B 145 -41.55 -0.42 4.22
N GLY B 146 -41.19 0.41 3.24
CA GLY B 146 -41.61 1.81 3.21
C GLY B 146 -40.70 2.80 3.93
N LYS B 147 -39.47 2.37 4.24
CA LYS B 147 -38.54 3.21 4.98
C LYS B 147 -37.50 3.85 4.06
N SER B 148 -37.00 5.01 4.46
CA SER B 148 -35.94 5.69 3.72
C SER B 148 -34.64 4.90 3.74
N ILE B 149 -33.85 5.05 2.69
CA ILE B 149 -32.57 4.35 2.56
C ILE B 149 -31.52 5.02 3.44
N THR B 150 -30.78 4.23 4.22
CA THR B 150 -29.75 4.77 5.11
C THR B 150 -28.35 4.32 4.72
N ASP B 151 -28.27 3.26 3.92
CA ASP B 151 -26.99 2.64 3.56
C ASP B 151 -26.93 2.30 2.09
N ILE B 152 -25.82 2.66 1.46
CA ILE B 152 -25.56 2.33 0.07
C ILE B 152 -24.37 1.36 0.04
N ILE B 153 -24.50 0.29 -0.72
CA ILE B 153 -23.41 -0.70 -0.83
C ILE B 153 -23.03 -0.86 -2.29
N ASN B 154 -21.85 -0.35 -2.60
CA ASN B 154 -21.27 -0.52 -3.93
C ASN B 154 -20.61 -1.88 -3.98
N ILE B 155 -21.04 -2.71 -4.94
CA ILE B 155 -20.40 -3.99 -5.17
C ILE B 155 -19.71 -3.93 -6.54
N GLY B 156 -18.40 -4.12 -6.54
CA GLY B 156 -17.60 -4.02 -7.75
C GLY B 156 -16.14 -4.14 -7.39
N ILE B 157 -15.29 -4.41 -8.39
CA ILE B 157 -13.87 -4.64 -8.14
C ILE B 157 -13.03 -3.79 -9.10
N GLY B 158 -11.79 -3.50 -8.71
CA GLY B 158 -10.89 -2.72 -9.55
C GLY B 158 -11.44 -1.35 -9.91
N GLY B 159 -11.57 -1.09 -11.21
CA GLY B 159 -12.09 0.19 -11.67
C GLY B 159 -13.50 0.52 -11.21
N SER B 160 -14.26 -0.51 -10.84
CA SER B 160 -15.62 -0.30 -10.36
C SER B 160 -15.68 -0.17 -8.83
N ASP B 161 -14.52 -0.09 -8.19
CA ASP B 161 -14.41 -0.04 -6.74
C ASP B 161 -13.49 1.09 -6.28
N LEU B 162 -12.27 1.12 -6.81
CA LEU B 162 -11.20 1.96 -6.27
C LEU B 162 -11.47 3.46 -6.32
N GLY B 163 -12.02 3.94 -7.43
CA GLY B 163 -12.36 5.34 -7.60
C GLY B 163 -13.43 5.82 -6.64
N PRO B 164 -14.61 5.18 -6.67
CA PRO B 164 -15.67 5.54 -5.74
C PRO B 164 -15.23 5.43 -4.27
N LEU B 165 -14.49 4.39 -3.92
CA LEU B 165 -13.97 4.26 -2.54
C LEU B 165 -13.02 5.42 -2.21
N MET B 166 -12.03 5.67 -3.06
CA MET B 166 -11.04 6.70 -2.78
C MET B 166 -11.68 8.08 -2.67
N VAL B 167 -12.61 8.39 -3.58
CA VAL B 167 -13.23 9.71 -3.59
C VAL B 167 -14.18 9.93 -2.40
N THR B 168 -15.00 8.93 -2.07
CA THR B 168 -15.88 9.06 -0.91
C THR B 168 -15.06 9.18 0.38
N GLU B 169 -13.95 8.47 0.46
CA GLU B 169 -13.05 8.64 1.59
C GLU B 169 -12.45 10.04 1.65
N ALA B 170 -11.98 10.53 0.50
CA ALA B 170 -11.34 11.84 0.43
C ALA B 170 -12.30 13.00 0.69
N LEU B 171 -13.57 12.80 0.34
CA LEU B 171 -14.57 13.87 0.43
C LEU B 171 -15.57 13.65 1.55
N LYS B 172 -15.17 12.85 2.55
CA LYS B 172 -16.03 12.59 3.70
C LYS B 172 -16.70 13.83 4.33
N PRO B 173 -15.99 14.94 4.50
CA PRO B 173 -16.58 16.16 5.08
C PRO B 173 -17.75 16.73 4.28
N TYR B 174 -17.91 16.31 3.03
CA TYR B 174 -18.95 16.83 2.13
C TYR B 174 -20.18 15.95 2.08
N SER B 175 -20.27 15.01 3.02
CA SER B 175 -21.29 13.97 2.99
C SER B 175 -22.44 14.14 3.98
N LYS B 176 -22.54 15.31 4.60
CA LYS B 176 -23.67 15.59 5.48
C LYS B 176 -24.97 15.45 4.69
N GLY B 177 -25.93 14.73 5.25
CA GLY B 177 -27.22 14.51 4.61
C GLY B 177 -27.23 13.37 3.62
N GLY B 178 -26.09 12.70 3.44
CA GLY B 178 -25.99 11.57 2.56
C GLY B 178 -26.08 10.25 3.31
N PRO B 179 -26.48 9.18 2.63
CA PRO B 179 -26.48 7.85 3.23
C PRO B 179 -25.05 7.37 3.44
N ARG B 180 -24.86 6.48 4.42
CA ARG B 180 -23.58 5.80 4.62
C ARG B 180 -23.26 4.98 3.38
N VAL B 181 -21.98 4.89 3.05
CA VAL B 181 -21.55 4.14 1.89
C VAL B 181 -20.58 3.04 2.29
N TRP B 182 -20.78 1.87 1.69
CA TRP B 182 -19.97 0.68 1.95
C TRP B 182 -19.46 0.15 0.62
N PHE B 183 -18.27 -0.43 0.62
CA PHE B 183 -17.67 -0.95 -0.59
C PHE B 183 -17.28 -2.41 -0.44
N VAL B 184 -17.95 -3.28 -1.20
CA VAL B 184 -17.67 -4.71 -1.22
C VAL B 184 -16.99 -5.00 -2.55
N SER B 185 -15.82 -5.63 -2.51
CA SER B 185 -15.04 -5.82 -3.72
C SER B 185 -14.42 -7.20 -3.83
N ASN B 186 -13.75 -7.63 -2.77
CA ASN B 186 -13.09 -8.93 -2.77
C ASN B 186 -14.11 -10.04 -2.93
N ILE B 187 -13.75 -11.10 -3.64
CA ILE B 187 -14.55 -12.33 -3.62
C ILE B 187 -14.50 -13.01 -2.25
N ASP B 188 -13.38 -12.84 -1.55
CA ASP B 188 -13.25 -13.39 -0.21
C ASP B 188 -14.54 -13.10 0.55
N GLY B 189 -15.21 -14.15 1.00
CA GLY B 189 -16.53 -14.03 1.60
C GLY B 189 -16.58 -13.15 2.83
N THR B 190 -15.44 -13.02 3.49
CA THR B 190 -15.26 -12.07 4.60
C THR B 190 -15.80 -10.69 4.26
N HIS B 191 -15.52 -10.22 3.04
CA HIS B 191 -15.86 -8.85 2.67
C HIS B 191 -17.35 -8.60 2.69
N ILE B 192 -18.12 -9.39 1.95
CA ILE B 192 -19.56 -9.19 1.95
C ILE B 192 -20.18 -9.57 3.30
N ALA B 193 -19.68 -10.64 3.92
CA ALA B 193 -20.23 -11.14 5.19
C ALA B 193 -20.16 -10.10 6.31
N LYS B 194 -19.01 -9.48 6.47
CA LYS B 194 -18.84 -8.45 7.51
C LYS B 194 -19.58 -7.15 7.19
N THR B 195 -19.74 -6.86 5.90
CA THR B 195 -20.52 -5.69 5.48
C THR B 195 -22.00 -5.89 5.78
N LEU B 196 -22.55 -7.03 5.38
CA LEU B 196 -23.99 -7.32 5.58
C LEU B 196 -24.39 -7.52 7.04
N ALA B 197 -23.44 -7.93 7.88
CA ALA B 197 -23.75 -8.22 9.29
C ALA B 197 -24.33 -7.01 10.04
N SER B 198 -23.93 -5.81 9.64
CA SER B 198 -24.34 -4.59 10.33
C SER B 198 -25.43 -3.80 9.58
N LEU B 199 -26.00 -4.40 8.55
CA LEU B 199 -27.01 -3.74 7.72
C LEU B 199 -28.40 -4.34 7.85
N SER B 200 -29.41 -3.53 7.56
CA SER B 200 -30.79 -3.99 7.49
C SER B 200 -31.20 -4.04 6.02
N PRO B 201 -31.80 -5.16 5.59
CA PRO B 201 -32.31 -5.28 4.21
C PRO B 201 -33.40 -4.25 3.91
N GLU B 202 -34.06 -3.73 4.94
CA GLU B 202 -35.12 -2.73 4.76
C GLU B 202 -34.60 -1.37 4.30
N THR B 203 -33.37 -1.03 4.64
CA THR B 203 -32.88 0.33 4.42
C THR B 203 -31.57 0.38 3.66
N SER B 204 -31.20 -0.74 3.04
CA SER B 204 -29.95 -0.83 2.30
C SER B 204 -30.21 -0.89 0.79
N LEU B 205 -29.44 -0.10 0.04
CA LEU B 205 -29.54 -0.15 -1.42
C LEU B 205 -28.20 -0.57 -2.02
N PHE B 206 -28.25 -1.58 -2.86
CA PHE B 206 -27.06 -2.15 -3.50
C PHE B 206 -26.86 -1.55 -4.90
N ILE B 207 -25.63 -1.13 -5.16
CA ILE B 207 -25.21 -0.69 -6.47
C ILE B 207 -24.25 -1.74 -7.03
N ILE B 208 -24.64 -2.38 -8.12
CA ILE B 208 -23.78 -3.38 -8.76
C ILE B 208 -23.01 -2.70 -9.89
N ALA B 209 -21.73 -2.47 -9.64
CA ALA B 209 -20.87 -1.70 -10.55
C ALA B 209 -19.94 -2.62 -11.31
N SER B 210 -20.12 -2.70 -12.62
CA SER B 210 -19.28 -3.56 -13.47
C SER B 210 -19.43 -3.16 -14.92
N LYS B 211 -18.33 -2.71 -15.52
CA LYS B 211 -18.34 -2.33 -16.93
C LYS B 211 -18.89 -3.46 -17.80
N THR B 212 -18.35 -4.66 -17.61
CA THR B 212 -18.73 -5.83 -18.41
C THR B 212 -19.98 -6.54 -17.90
N PHE B 213 -20.25 -6.37 -16.60
CA PHE B 213 -21.26 -7.16 -15.88
C PHE B 213 -21.06 -8.68 -15.96
N THR B 214 -19.81 -9.10 -16.14
CA THR B 214 -19.48 -10.53 -16.19
C THR B 214 -18.33 -10.93 -15.25
N THR B 215 -17.74 -9.94 -14.59
CA THR B 215 -16.65 -10.21 -13.64
C THR B 215 -17.13 -11.13 -12.52
N GLN B 216 -16.43 -12.25 -12.36
CA GLN B 216 -16.87 -13.30 -11.42
C GLN B 216 -17.06 -12.81 -10.00
N GLU B 217 -16.08 -12.06 -9.49
CA GLU B 217 -16.15 -11.57 -8.11
C GLU B 217 -17.39 -10.73 -7.88
N THR B 218 -17.63 -9.79 -8.80
CA THR B 218 -18.73 -8.85 -8.67
C THR B 218 -20.09 -9.52 -8.80
N ILE B 219 -20.25 -10.39 -9.80
CA ILE B 219 -21.54 -11.07 -9.99
C ILE B 219 -21.83 -12.02 -8.84
N THR B 220 -20.81 -12.75 -8.37
CA THR B 220 -20.99 -13.66 -7.24
C THR B 220 -21.38 -12.89 -5.99
N ASN B 221 -20.69 -11.78 -5.72
CA ASN B 221 -21.02 -10.91 -4.58
C ASN B 221 -22.44 -10.36 -4.71
N ALA B 222 -22.81 -9.97 -5.92
CA ALA B 222 -24.14 -9.43 -6.18
C ALA B 222 -25.21 -10.48 -5.91
N GLU B 223 -24.94 -11.72 -6.34
CA GLU B 223 -25.89 -12.82 -6.15
C GLU B 223 -26.02 -13.20 -4.67
N THR B 224 -24.91 -13.07 -3.93
CA THR B 224 -24.93 -13.30 -2.49
C THR B 224 -25.75 -12.22 -1.79
N ALA B 225 -25.61 -10.97 -2.24
CA ALA B 225 -26.38 -9.86 -1.70
C ALA B 225 -27.88 -10.06 -1.97
N LYS B 226 -28.21 -10.50 -3.19
CA LYS B 226 -29.60 -10.74 -3.57
C LYS B 226 -30.24 -11.85 -2.75
N GLU B 227 -29.49 -12.93 -2.51
CA GLU B 227 -29.97 -14.04 -1.68
C GLU B 227 -30.24 -13.56 -0.24
N TRP B 228 -29.31 -12.78 0.30
CA TRP B 228 -29.43 -12.21 1.64
C TRP B 228 -30.66 -11.33 1.74
N PHE B 229 -30.87 -10.50 0.72
CA PHE B 229 -32.01 -9.61 0.66
C PHE B 229 -33.34 -10.37 0.57
N LEU B 230 -33.40 -11.36 -0.33
CA LEU B 230 -34.63 -12.11 -0.56
C LEU B 230 -35.02 -12.99 0.64
N GLU B 231 -34.04 -13.35 1.46
CA GLU B 231 -34.30 -14.09 2.69
C GLU B 231 -35.22 -13.28 3.62
N ALA B 232 -35.02 -11.97 3.61
CA ALA B 232 -35.82 -11.04 4.42
C ALA B 232 -37.09 -10.57 3.71
N ALA B 233 -36.96 -10.23 2.43
CA ALA B 233 -38.06 -9.65 1.68
C ALA B 233 -39.07 -10.68 1.18
N LYS B 234 -38.58 -11.88 0.87
CA LYS B 234 -39.40 -13.01 0.39
C LYS B 234 -40.31 -12.64 -0.79
N ASP B 235 -39.86 -11.66 -1.57
CA ASP B 235 -40.64 -11.09 -2.66
C ASP B 235 -39.70 -10.63 -3.77
N PRO B 236 -39.63 -11.37 -4.87
CA PRO B 236 -38.72 -11.05 -5.98
C PRO B 236 -38.94 -9.65 -6.58
N SER B 237 -40.17 -9.13 -6.46
CA SER B 237 -40.50 -7.81 -6.98
C SER B 237 -39.89 -6.67 -6.16
N ALA B 238 -39.51 -6.97 -4.92
CA ALA B 238 -38.90 -5.98 -4.03
C ALA B 238 -37.45 -5.66 -4.40
N VAL B 239 -36.82 -6.53 -5.19
CA VAL B 239 -35.44 -6.34 -5.65
C VAL B 239 -35.27 -4.99 -6.36
N ALA B 240 -36.30 -4.56 -7.09
CA ALA B 240 -36.29 -3.29 -7.83
C ALA B 240 -36.12 -2.05 -6.94
N LYS B 241 -36.42 -2.18 -5.66
CA LYS B 241 -36.30 -1.06 -4.72
C LYS B 241 -34.92 -1.03 -4.07
N HIS B 242 -34.13 -2.09 -4.26
CA HIS B 242 -32.89 -2.26 -3.51
C HIS B 242 -31.65 -2.55 -4.34
N PHE B 243 -31.81 -2.76 -5.65
CA PHE B 243 -30.69 -3.08 -6.52
C PHE B 243 -30.69 -2.22 -7.77
N VAL B 244 -29.59 -1.51 -8.00
CA VAL B 244 -29.35 -0.79 -9.26
C VAL B 244 -28.06 -1.28 -9.89
N ALA B 245 -27.87 -0.99 -11.18
CA ALA B 245 -26.70 -1.44 -11.91
C ALA B 245 -26.00 -0.30 -12.62
N LEU B 246 -24.67 -0.33 -12.63
CA LEU B 246 -23.86 0.60 -13.41
C LEU B 246 -23.03 -0.24 -14.37
N SER B 247 -23.30 -0.11 -15.67
CA SER B 247 -22.70 -1.02 -16.65
C SER B 247 -22.76 -0.49 -18.08
N THR B 248 -22.03 -1.16 -18.97
CA THR B 248 -22.19 -0.97 -20.41
C THR B 248 -23.03 -2.11 -21.01
N ASN B 249 -23.25 -3.16 -20.23
CA ASN B 249 -23.86 -4.39 -20.72
C ASN B 249 -25.35 -4.52 -20.36
N THR B 250 -26.21 -3.92 -21.17
CA THR B 250 -27.66 -3.93 -20.95
C THR B 250 -28.24 -5.35 -20.82
N ALA B 251 -27.81 -6.25 -21.71
CA ALA B 251 -28.31 -7.63 -21.74
C ALA B 251 -28.00 -8.40 -20.45
N LYS B 252 -26.76 -8.29 -19.98
CA LYS B 252 -26.35 -9.02 -18.77
C LYS B 252 -26.97 -8.43 -17.51
N VAL B 253 -27.22 -7.13 -17.53
CA VAL B 253 -27.94 -6.43 -16.45
C VAL B 253 -29.38 -6.94 -16.35
N LYS B 254 -30.04 -7.10 -17.50
CA LYS B 254 -31.37 -7.68 -17.58
C LYS B 254 -31.39 -9.13 -17.12
N GLU B 255 -30.40 -9.90 -17.56
CA GLU B 255 -30.25 -11.32 -17.19
C GLU B 255 -30.10 -11.54 -15.69
N PHE B 256 -29.41 -10.61 -15.01
CA PHE B 256 -29.24 -10.66 -13.56
C PHE B 256 -30.56 -10.40 -12.83
N GLY B 257 -31.47 -9.69 -13.49
CA GLY B 257 -32.79 -9.42 -12.93
C GLY B 257 -32.96 -8.03 -12.39
N ILE B 258 -32.22 -7.07 -12.94
CA ILE B 258 -32.36 -5.67 -12.53
C ILE B 258 -33.28 -4.90 -13.48
N ASP B 259 -34.13 -4.06 -12.91
CA ASP B 259 -35.08 -3.22 -13.63
C ASP B 259 -34.38 -2.38 -14.71
N PRO B 260 -34.98 -2.30 -15.90
CA PRO B 260 -34.42 -1.50 -16.99
C PRO B 260 -34.22 -0.03 -16.60
N GLN B 261 -35.12 0.51 -15.80
CA GLN B 261 -35.02 1.89 -15.31
C GLN B 261 -34.03 2.05 -14.15
N ASN B 262 -33.50 0.92 -13.68
CA ASN B 262 -32.51 0.90 -12.61
C ASN B 262 -31.08 0.74 -13.13
N MET B 263 -30.88 0.99 -14.42
CA MET B 263 -29.55 0.87 -15.04
C MET B 263 -28.99 2.23 -15.41
N PHE B 264 -27.78 2.51 -14.96
CA PHE B 264 -27.08 3.75 -15.29
C PHE B 264 -25.95 3.39 -16.22
N GLU B 265 -26.08 3.84 -17.46
CA GLU B 265 -25.21 3.35 -18.54
C GLU B 265 -23.93 4.15 -18.66
N PHE B 266 -22.86 3.46 -19.04
CA PHE B 266 -21.70 4.11 -19.63
C PHE B 266 -21.24 3.36 -20.88
N TRP B 267 -20.08 3.74 -21.40
CA TRP B 267 -19.73 3.37 -22.79
C TRP B 267 -18.36 2.71 -22.88
N ASP B 268 -18.07 2.03 -23.98
CA ASP B 268 -16.83 1.27 -24.10
C ASP B 268 -15.57 2.14 -24.08
N TRP B 269 -15.73 3.42 -24.41
CA TRP B 269 -14.60 4.36 -24.41
C TRP B 269 -14.28 4.92 -23.02
N VAL B 270 -15.00 4.43 -22.01
CA VAL B 270 -14.67 4.68 -20.63
C VAL B 270 -13.92 3.48 -20.07
N GLY B 271 -12.60 3.63 -19.91
CA GLY B 271 -11.80 2.59 -19.29
C GLY B 271 -12.18 2.46 -17.83
N GLY B 272 -12.16 1.24 -17.31
CA GLY B 272 -12.52 0.98 -15.92
C GLY B 272 -11.75 1.85 -14.95
N ARG B 273 -10.44 1.93 -15.14
CA ARG B 273 -9.58 2.73 -14.27
C ARG B 273 -9.69 4.24 -14.55
N TYR B 274 -10.58 4.63 -15.46
CA TYR B 274 -10.88 6.04 -15.74
C TYR B 274 -12.40 6.29 -15.66
N SER B 275 -13.08 5.50 -14.84
CA SER B 275 -14.55 5.45 -14.87
C SER B 275 -15.31 6.17 -13.76
N LEU B 276 -14.62 6.67 -12.72
CA LEU B 276 -15.33 7.28 -11.60
C LEU B 276 -16.17 8.49 -12.01
N TRP B 277 -15.81 9.08 -13.16
CA TRP B 277 -16.44 10.28 -13.71
C TRP B 277 -17.78 9.98 -14.40
N SER B 278 -18.04 8.70 -14.65
CA SER B 278 -19.24 8.24 -15.32
C SER B 278 -20.29 7.79 -14.31
N ALA B 279 -21.27 7.01 -14.78
CA ALA B 279 -22.22 6.31 -13.92
C ALA B 279 -21.58 5.57 -12.74
N ILE B 280 -20.36 5.08 -12.93
CA ILE B 280 -19.61 4.40 -11.87
C ILE B 280 -19.46 5.27 -10.61
N GLY B 281 -19.50 6.58 -10.79
CA GLY B 281 -19.45 7.51 -9.68
C GLY B 281 -20.76 7.73 -8.93
N LEU B 282 -21.77 6.92 -9.22
CA LEU B 282 -23.07 7.09 -8.56
C LEU B 282 -22.98 7.08 -7.02
N SER B 283 -22.20 6.16 -6.47
CA SER B 283 -22.02 6.12 -5.01
C SER B 283 -21.38 7.41 -4.47
N ILE B 284 -20.53 8.04 -5.28
CA ILE B 284 -19.95 9.33 -4.88
C ILE B 284 -21.06 10.35 -4.78
N ALA B 285 -21.84 10.46 -5.85
CA ALA B 285 -22.92 11.44 -5.93
C ALA B 285 -23.98 11.22 -4.85
N LEU B 286 -24.30 9.97 -4.54
CA LEU B 286 -25.25 9.67 -3.46
C LEU B 286 -24.71 10.14 -2.12
N HIS B 287 -23.41 9.93 -1.90
CA HIS B 287 -22.79 10.20 -0.60
C HIS B 287 -22.57 11.68 -0.34
N VAL B 288 -22.02 12.40 -1.31
CA VAL B 288 -21.72 13.83 -1.15
C VAL B 288 -22.70 14.78 -1.85
N GLY B 289 -23.66 14.22 -2.59
CA GLY B 289 -24.63 15.03 -3.32
C GLY B 289 -24.18 15.30 -4.74
N PHE B 290 -25.15 15.44 -5.64
CA PHE B 290 -24.85 15.67 -7.05
C PHE B 290 -24.09 16.97 -7.32
N ASP B 291 -24.40 18.03 -6.57
CA ASP B 291 -23.69 19.31 -6.71
C ASP B 291 -22.18 19.12 -6.53
N HIS B 292 -21.79 18.41 -5.47
CA HIS B 292 -20.39 18.14 -5.20
C HIS B 292 -19.76 17.25 -6.26
N PHE B 293 -20.55 16.30 -6.78
CA PHE B 293 -20.09 15.45 -7.88
C PHE B 293 -19.80 16.28 -9.13
N GLU B 294 -20.66 17.26 -9.43
CA GLU B 294 -20.46 18.18 -10.56
C GLU B 294 -19.19 19.01 -10.38
N GLN B 295 -18.90 19.38 -9.14
CA GLN B 295 -17.67 20.13 -8.82
C GLN B 295 -16.44 19.26 -9.07
N LEU B 296 -16.53 17.99 -8.68
CA LEU B 296 -15.48 17.01 -8.97
C LEU B 296 -15.21 16.91 -10.48
N LEU B 297 -16.28 16.76 -11.26
CA LEU B 297 -16.16 16.76 -12.71
C LEU B 297 -15.58 18.07 -13.24
N SER B 298 -16.00 19.20 -12.67
CA SER B 298 -15.52 20.51 -13.13
C SER B 298 -14.03 20.71 -12.91
N GLY B 299 -13.52 20.20 -11.80
CA GLY B 299 -12.09 20.26 -11.51
C GLY B 299 -11.29 19.45 -12.51
N ALA B 300 -11.77 18.25 -12.81
CA ALA B 300 -11.16 17.42 -13.84
C ALA B 300 -11.17 18.14 -15.19
N HIS B 301 -12.29 18.78 -15.51
CA HIS B 301 -12.43 19.55 -16.76
C HIS B 301 -11.42 20.69 -16.82
N TRP B 302 -11.23 21.38 -15.70
CA TRP B 302 -10.24 22.43 -15.64
C TRP B 302 -8.86 21.89 -16.00
N MET B 303 -8.50 20.75 -15.42
CA MET B 303 -7.19 20.15 -15.69
C MET B 303 -7.07 19.61 -17.11
N ASP B 304 -8.18 19.11 -17.66
CA ASP B 304 -8.20 18.68 -19.06
C ASP B 304 -7.86 19.84 -19.97
N GLN B 305 -8.45 21.00 -19.68
CA GLN B 305 -8.21 22.21 -20.47
C GLN B 305 -6.79 22.72 -20.29
N HIS B 306 -6.28 22.63 -19.06
CA HIS B 306 -4.88 22.98 -18.82
C HIS B 306 -3.95 22.08 -19.66
N PHE B 307 -4.22 20.78 -19.64
CA PHE B 307 -3.45 19.80 -20.41
C PHE B 307 -3.53 20.09 -21.91
N LEU B 308 -4.72 20.44 -22.39
CA LEU B 308 -4.97 20.66 -23.81
C LEU B 308 -4.33 21.94 -24.37
N LYS B 309 -4.39 23.02 -23.59
CA LYS B 309 -4.06 24.34 -24.10
C LYS B 309 -2.65 24.83 -23.78
N THR B 310 -2.00 24.20 -22.81
CA THR B 310 -0.75 24.73 -22.28
C THR B 310 0.48 24.21 -23.04
N PRO B 311 1.38 25.12 -23.43
CA PRO B 311 2.66 24.74 -24.04
C PRO B 311 3.38 23.73 -23.14
N LEU B 312 4.03 22.74 -23.75
CA LEU B 312 4.53 21.60 -23.00
C LEU B 312 5.44 21.96 -21.83
N GLU B 313 6.25 23.01 -22.02
CA GLU B 313 7.27 23.41 -21.05
C GLU B 313 6.71 23.93 -19.72
N LYS B 314 5.43 24.26 -19.68
CA LYS B 314 4.75 24.68 -18.45
C LYS B 314 3.43 23.94 -18.23
N ASN B 315 3.35 22.74 -18.80
CA ASN B 315 2.17 21.89 -18.75
C ASN B 315 2.34 20.86 -17.62
N ALA B 316 1.56 21.01 -16.56
CA ALA B 316 1.76 20.21 -15.33
C ALA B 316 1.86 18.69 -15.54
N PRO B 317 0.85 18.05 -16.12
CA PRO B 317 0.94 16.59 -16.35
C PRO B 317 2.09 16.18 -17.25
N VAL B 318 2.43 17.01 -18.24
CA VAL B 318 3.55 16.70 -19.11
C VAL B 318 4.87 16.74 -18.33
N LEU B 319 5.04 17.76 -17.50
CA LEU B 319 6.28 17.88 -16.72
C LEU B 319 6.42 16.74 -15.72
N LEU B 320 5.33 16.37 -15.06
CA LEU B 320 5.36 15.23 -14.13
C LEU B 320 5.71 13.94 -14.87
N ALA B 321 5.14 13.78 -16.07
CA ALA B 321 5.43 12.62 -16.90
C ALA B 321 6.90 12.55 -17.30
N LEU B 322 7.45 13.71 -17.68
CA LEU B 322 8.82 13.79 -18.15
C LEU B 322 9.84 13.53 -17.04
N LEU B 323 9.56 14.05 -15.85
CA LEU B 323 10.41 13.73 -14.69
C LEU B 323 10.38 12.23 -14.44
N GLY B 324 9.21 11.62 -14.60
CA GLY B 324 9.07 10.18 -14.44
C GLY B 324 9.92 9.42 -15.45
N ILE B 325 9.86 9.82 -16.72
CA ILE B 325 10.70 9.23 -17.78
C ILE B 325 12.19 9.33 -17.41
N TRP B 326 12.60 10.49 -16.93
CA TRP B 326 13.98 10.75 -16.54
C TRP B 326 14.44 9.73 -15.50
N TYR B 327 13.61 9.52 -14.48
CA TYR B 327 13.95 8.60 -13.41
C TYR B 327 13.84 7.14 -13.82
N ILE B 328 12.87 6.82 -14.67
CA ILE B 328 12.64 5.45 -15.09
C ILE B 328 13.65 4.98 -16.14
N ASN B 329 13.80 5.75 -17.20
CA ASN B 329 14.57 5.33 -18.37
C ASN B 329 16.01 5.77 -18.38
N CYS B 330 16.36 6.71 -17.51
CA CYS B 330 17.74 7.15 -17.41
C CYS B 330 18.39 6.68 -16.10
N TYR B 331 17.69 6.88 -14.97
CA TYR B 331 18.20 6.44 -13.67
C TYR B 331 17.87 4.99 -13.32
N GLY B 332 16.86 4.42 -13.96
CA GLY B 332 16.49 3.03 -13.75
C GLY B 332 15.69 2.76 -12.48
N CYS B 333 14.99 3.78 -11.98
CA CYS B 333 14.17 3.65 -10.78
C CYS B 333 12.92 2.83 -11.04
N GLU B 334 12.74 1.76 -10.27
CA GLU B 334 11.62 0.84 -10.46
C GLU B 334 10.30 1.40 -9.92
N THR B 335 10.38 2.26 -8.91
CA THR B 335 9.18 2.65 -8.18
C THR B 335 8.91 4.14 -8.18
N HIS B 336 7.68 4.49 -7.81
CA HIS B 336 7.25 5.86 -7.63
C HIS B 336 6.36 5.88 -6.40
N ALA B 337 6.74 6.66 -5.39
CA ALA B 337 5.97 6.73 -4.16
C ALA B 337 5.05 7.95 -4.17
N LEU B 338 3.79 7.73 -3.78
CA LEU B 338 2.81 8.79 -3.61
C LEU B 338 2.55 8.92 -2.12
N LEU B 339 2.84 10.10 -1.58
CA LEU B 339 2.82 10.34 -0.14
C LEU B 339 1.96 11.55 0.22
N PRO B 340 0.64 11.35 0.26
CA PRO B 340 -0.26 12.44 0.65
C PRO B 340 -0.26 12.68 2.16
N TYR B 341 -0.06 13.92 2.56
CA TYR B 341 -0.08 14.28 3.98
C TYR B 341 -1.51 14.64 4.35
N ASP B 342 -2.36 13.62 4.32
CA ASP B 342 -3.80 13.80 4.44
C ASP B 342 -4.44 12.43 4.66
N GLN B 343 -5.02 12.26 5.84
CA GLN B 343 -5.66 11.00 6.20
C GLN B 343 -6.83 10.69 5.28
N TYR B 344 -7.56 11.74 4.88
CA TYR B 344 -8.68 11.54 3.96
C TYR B 344 -8.24 10.94 2.61
N MET B 345 -6.98 11.17 2.23
CA MET B 345 -6.42 10.66 0.98
C MET B 345 -5.76 9.29 1.14
N HIS B 346 -6.13 8.55 2.17
CA HIS B 346 -5.45 7.28 2.47
C HIS B 346 -5.60 6.20 1.38
N ARG B 347 -6.56 6.37 0.47
CA ARG B 347 -6.73 5.40 -0.62
C ARG B 347 -6.27 5.92 -1.99
N PHE B 348 -5.58 7.06 -1.97
CA PHE B 348 -5.11 7.72 -3.19
C PHE B 348 -4.03 6.90 -3.90
N ALA B 349 -3.05 6.39 -3.14
CA ALA B 349 -2.00 5.55 -3.73
C ALA B 349 -2.54 4.25 -4.30
N ALA B 350 -3.47 3.61 -3.58
CA ALA B 350 -4.07 2.37 -4.04
C ALA B 350 -4.82 2.58 -5.36
N TYR B 351 -5.47 3.74 -5.49
CA TYR B 351 -6.17 4.11 -6.70
C TYR B 351 -5.22 4.19 -7.89
N PHE B 352 -4.11 4.91 -7.71
CA PHE B 352 -3.17 5.06 -8.81
C PHE B 352 -2.29 3.86 -9.05
N GLN B 353 -2.31 2.89 -8.13
CA GLN B 353 -1.76 1.58 -8.44
C GLN B 353 -2.46 0.99 -9.66
N GLN B 354 -3.79 1.03 -9.69
CA GLN B 354 -4.49 0.61 -10.92
C GLN B 354 -4.30 1.62 -12.06
N GLY B 355 -4.57 2.90 -11.80
CA GLY B 355 -4.50 3.91 -12.84
C GLY B 355 -3.17 3.93 -13.56
N ASP B 356 -2.08 3.80 -12.82
CA ASP B 356 -0.75 3.84 -13.41
C ASP B 356 -0.34 2.44 -13.88
N MET B 357 -0.37 1.47 -12.97
CA MET B 357 0.24 0.16 -13.26
C MET B 357 -0.54 -0.70 -14.25
N GLU B 358 -1.86 -0.65 -14.21
CA GLU B 358 -2.65 -1.38 -15.20
C GLU B 358 -2.58 -0.69 -16.56
N SER B 359 -2.39 0.62 -16.56
CA SER B 359 -2.24 1.38 -17.80
C SER B 359 -0.89 1.12 -18.46
N ASN B 360 0.20 1.34 -17.72
CA ASN B 360 1.52 1.38 -18.32
C ASN B 360 2.44 0.20 -17.97
N GLY B 361 1.88 -0.82 -17.32
CA GLY B 361 2.59 -2.06 -17.08
C GLY B 361 2.48 -2.93 -18.32
N LYS B 362 3.21 -2.51 -19.35
CA LYS B 362 3.07 -3.02 -20.72
C LYS B 362 4.44 -3.28 -21.32
N TYR B 363 4.50 -4.14 -22.32
CA TYR B 363 5.80 -4.44 -22.95
C TYR B 363 5.78 -4.56 -24.47
N ILE B 364 4.62 -4.34 -25.07
CA ILE B 364 4.48 -4.37 -26.53
C ILE B 364 4.12 -2.99 -27.06
N THR B 365 4.85 -2.53 -28.07
CA THR B 365 4.62 -1.20 -28.64
C THR B 365 3.58 -1.25 -29.77
N LYS B 366 3.20 -0.06 -30.24
CA LYS B 366 2.21 0.09 -31.32
C LYS B 366 2.56 -0.72 -32.57
N SER B 367 3.85 -0.86 -32.86
CA SER B 367 4.31 -1.61 -34.03
C SER B 367 4.29 -3.13 -33.82
N GLY B 368 4.05 -3.55 -32.58
CA GLY B 368 4.09 -4.96 -32.23
C GLY B 368 5.45 -5.40 -31.72
N ALA B 369 6.43 -4.51 -31.81
CA ALA B 369 7.77 -4.79 -31.30
C ALA B 369 7.77 -4.79 -29.77
N ARG B 370 8.59 -5.67 -29.19
CA ARG B 370 8.82 -5.66 -27.75
C ARG B 370 9.61 -4.39 -27.39
N VAL B 371 9.29 -3.80 -26.24
CA VAL B 371 10.12 -2.71 -25.72
C VAL B 371 11.50 -3.26 -25.33
N ASP B 372 12.54 -2.44 -25.52
CA ASP B 372 13.87 -2.79 -25.01
C ASP B 372 14.29 -1.75 -23.98
N HIS B 373 13.29 -1.27 -23.24
CA HIS B 373 13.45 -0.25 -22.21
C HIS B 373 12.35 -0.46 -21.17
N GLN B 374 12.47 0.21 -20.03
CA GLN B 374 11.47 0.12 -18.97
C GLN B 374 10.21 0.89 -19.35
N THR B 375 9.07 0.42 -18.83
CA THR B 375 7.81 1.18 -18.91
C THR B 375 7.34 1.54 -17.51
N GLY B 376 6.05 1.38 -17.23
CA GLY B 376 5.44 1.86 -15.99
C GLY B 376 6.13 1.41 -14.70
N PRO B 377 6.20 2.30 -13.71
CA PRO B 377 6.81 1.97 -12.43
C PRO B 377 5.83 1.27 -11.47
N ILE B 378 6.37 0.74 -10.39
CA ILE B 378 5.55 0.24 -9.29
C ILE B 378 5.19 1.44 -8.41
N VAL B 379 3.90 1.65 -8.22
CA VAL B 379 3.39 2.78 -7.46
C VAL B 379 3.05 2.27 -6.06
N TRP B 380 3.43 3.03 -5.04
CA TRP B 380 3.19 2.62 -3.66
C TRP B 380 3.19 3.85 -2.77
N GLY B 381 2.78 3.69 -1.52
CA GLY B 381 2.85 4.78 -0.56
C GLY B 381 1.82 4.68 0.55
N GLU B 382 2.06 5.44 1.62
CA GLU B 382 1.12 5.60 2.72
C GLU B 382 1.05 7.09 3.07
N PRO B 383 -0.03 7.52 3.72
CA PRO B 383 -0.14 8.92 4.13
C PRO B 383 0.94 9.37 5.12
N GLY B 384 1.41 10.60 4.97
CA GLY B 384 2.23 11.24 5.98
C GLY B 384 1.31 11.72 7.10
N THR B 385 1.78 11.73 8.35
CA THR B 385 3.18 11.47 8.71
C THR B 385 3.48 10.01 8.99
N ASN B 386 2.48 9.14 8.89
CA ASN B 386 2.66 7.73 9.26
C ASN B 386 3.84 7.06 8.59
N GLY B 387 4.00 7.30 7.29
CA GLY B 387 5.12 6.73 6.55
C GLY B 387 6.48 7.08 7.13
N GLN B 388 6.60 8.26 7.75
CA GLN B 388 7.85 8.66 8.37
C GLN B 388 8.29 7.68 9.45
N HIS B 389 7.33 7.02 10.07
CA HIS B 389 7.57 6.07 11.15
C HIS B 389 7.48 4.62 10.70
N ALA B 390 7.47 4.41 9.38
CA ALA B 390 7.39 3.07 8.84
C ALA B 390 8.55 2.78 7.88
N PHE B 391 8.65 3.54 6.79
CA PHE B 391 9.58 3.20 5.71
C PHE B 391 10.50 4.34 5.25
N TYR B 392 10.32 5.54 5.79
CA TYR B 392 11.21 6.64 5.36
C TYR B 392 12.66 6.38 5.74
N GLN B 393 12.89 5.52 6.73
CA GLN B 393 14.25 5.09 7.05
C GLN B 393 14.96 4.64 5.77
N LEU B 394 14.25 3.84 4.98
CA LEU B 394 14.82 3.30 3.75
C LEU B 394 14.96 4.38 2.67
N ILE B 395 13.98 5.28 2.60
CA ILE B 395 14.08 6.36 1.62
C ILE B 395 15.30 7.24 1.93
N HIS B 396 15.54 7.50 3.21
CA HIS B 396 16.67 8.35 3.62
C HIS B 396 18.03 7.66 3.59
N GLN B 397 18.08 6.40 4.00
CA GLN B 397 19.36 5.72 4.24
C GLN B 397 19.49 4.33 3.61
N GLY B 398 18.59 3.98 2.72
CA GLY B 398 18.67 2.71 2.00
C GLY B 398 19.52 2.83 0.76
N THR B 399 19.40 1.85 -0.12
CA THR B 399 20.22 1.76 -1.32
C THR B 399 19.41 1.94 -2.62
N LYS B 400 18.19 2.42 -2.48
CA LYS B 400 17.29 2.61 -3.62
C LYS B 400 17.07 4.09 -3.89
N MET B 401 17.01 4.46 -5.16
CA MET B 401 16.53 5.78 -5.55
C MET B 401 15.03 5.69 -5.77
N ILE B 402 14.28 6.55 -5.08
CA ILE B 402 12.82 6.46 -5.06
C ILE B 402 12.23 7.85 -5.27
N PRO B 403 11.83 8.18 -6.51
CA PRO B 403 11.10 9.43 -6.74
C PRO B 403 9.83 9.44 -5.89
N CYS B 404 9.58 10.54 -5.18
CA CYS B 404 8.42 10.66 -4.30
C CYS B 404 7.63 11.90 -4.64
N ASP B 405 6.30 11.76 -4.72
CA ASP B 405 5.42 12.91 -4.77
C ASP B 405 4.81 13.09 -3.39
N PHE B 406 5.10 14.24 -2.78
CA PHE B 406 4.52 14.68 -1.52
C PHE B 406 3.35 15.61 -1.84
N LEU B 407 2.17 15.31 -1.29
CA LEU B 407 0.96 16.10 -1.54
C LEU B 407 0.34 16.57 -0.22
N ILE B 408 -0.19 17.79 -0.19
CA ILE B 408 -0.85 18.29 1.01
C ILE B 408 -1.78 19.46 0.70
N PRO B 409 -2.93 19.52 1.36
CA PRO B 409 -3.75 20.75 1.35
C PRO B 409 -3.27 21.78 2.37
N VAL B 410 -3.29 23.03 1.97
CA VAL B 410 -2.90 24.12 2.87
C VAL B 410 -3.92 24.22 4.01
N GLN B 411 -5.20 24.11 3.66
CA GLN B 411 -6.28 24.22 4.63
C GLN B 411 -6.80 22.84 5.00
N THR B 412 -6.87 22.57 6.30
CA THR B 412 -7.42 21.31 6.77
C THR B 412 -8.93 21.37 6.93
N GLN B 413 -9.57 20.22 6.78
CA GLN B 413 -11.00 20.08 7.03
C GLN B 413 -11.32 20.12 8.53
N HIS B 414 -10.29 19.89 9.36
CA HIS B 414 -10.47 19.81 10.80
C HIS B 414 -9.41 20.62 11.54
N PRO B 415 -9.58 21.95 11.58
CA PRO B 415 -8.58 22.83 12.20
C PRO B 415 -8.65 22.84 13.72
N ILE B 416 -8.56 21.64 14.31
CA ILE B 416 -8.65 21.47 15.76
C ILE B 416 -7.50 22.15 16.49
N ARG B 417 -7.77 22.54 17.74
CA ARG B 417 -6.79 23.18 18.60
C ARG B 417 -6.08 24.37 17.94
N LYS B 418 -6.91 25.23 17.37
CA LYS B 418 -6.46 26.46 16.70
C LYS B 418 -5.41 26.21 15.62
N GLY B 419 -5.51 25.03 15.00
CA GLY B 419 -4.67 24.70 13.87
C GLY B 419 -3.36 24.03 14.22
N LEU B 420 -3.20 23.62 15.47
CA LEU B 420 -1.95 23.02 15.94
C LEU B 420 -1.55 21.75 15.20
N HIS B 421 -2.49 20.82 15.03
CA HIS B 421 -2.20 19.58 14.34
C HIS B 421 -1.75 19.86 12.91
N HIS B 422 -2.44 20.77 12.22
CA HIS B 422 -2.11 21.04 10.83
C HIS B 422 -0.77 21.76 10.65
N LYS B 423 -0.46 22.63 11.61
CA LYS B 423 0.85 23.27 11.66
C LYS B 423 1.95 22.21 11.70
N ILE B 424 1.77 21.22 12.58
CA ILE B 424 2.75 20.14 12.72
C ILE B 424 2.81 19.31 11.44
N LEU B 425 1.64 18.99 10.89
CA LEU B 425 1.58 18.24 9.64
C LEU B 425 2.33 18.93 8.51
N LEU B 426 2.06 20.22 8.33
CA LEU B 426 2.74 21.04 7.31
C LEU B 426 4.25 21.10 7.52
N ALA B 427 4.66 21.30 8.78
CA ALA B 427 6.08 21.38 9.10
C ALA B 427 6.81 20.09 8.74
N ASN B 428 6.18 18.95 9.01
CA ASN B 428 6.74 17.65 8.61
C ASN B 428 6.80 17.47 7.10
N PHE B 429 5.74 17.89 6.40
CA PHE B 429 5.67 17.81 4.95
C PHE B 429 6.86 18.55 4.33
N LEU B 430 7.10 19.76 4.82
CA LEU B 430 8.17 20.61 4.32
C LEU B 430 9.55 20.06 4.69
N ALA B 431 9.67 19.62 5.94
CA ALA B 431 10.94 19.15 6.46
C ALA B 431 11.42 17.89 5.79
N GLN B 432 10.50 16.99 5.44
CA GLN B 432 10.90 15.72 4.85
C GLN B 432 11.56 15.89 3.48
N THR B 433 10.96 16.71 2.60
CA THR B 433 11.59 16.92 1.30
C THR B 433 12.87 17.73 1.42
N GLU B 434 12.89 18.68 2.35
CA GLU B 434 14.12 19.40 2.66
C GLU B 434 15.24 18.43 3.11
N ALA B 435 14.89 17.50 4.00
CA ALA B 435 15.84 16.52 4.52
C ALA B 435 16.35 15.58 3.42
N LEU B 436 15.43 15.13 2.57
CA LEU B 436 15.77 14.25 1.47
C LEU B 436 16.73 14.92 0.51
N MET B 437 16.56 16.21 0.28
CA MET B 437 17.45 16.97 -0.59
C MET B 437 18.82 17.22 0.05
N LYS B 438 18.79 17.76 1.28
CA LYS B 438 19.99 18.28 1.93
C LYS B 438 20.88 17.20 2.51
N GLY B 439 20.26 16.20 3.12
CA GLY B 439 21.00 15.25 3.93
C GLY B 439 21.64 15.93 5.15
N LYS B 440 22.64 15.26 5.72
CA LYS B 440 23.37 15.77 6.87
C LYS B 440 24.82 15.37 6.72
N LEU B 441 25.69 16.37 6.73
CA LEU B 441 27.11 16.16 6.46
C LEU B 441 27.84 15.58 7.69
N PRO B 442 28.96 14.88 7.45
CA PRO B 442 29.78 14.38 8.57
C PRO B 442 30.14 15.46 9.59
N GLU B 443 30.46 16.67 9.12
CA GLU B 443 30.82 17.76 10.04
C GLU B 443 29.67 18.17 10.95
N GLU B 444 28.43 18.04 10.45
CA GLU B 444 27.24 18.36 11.21
C GLU B 444 26.95 17.26 12.24
N ALA B 445 27.02 16.01 11.79
CA ALA B 445 26.80 14.86 12.65
C ALA B 445 27.87 14.73 13.74
N ARG B 446 29.11 15.05 13.39
CA ARG B 446 30.23 14.93 14.34
C ARG B 446 30.02 15.84 15.55
N LYS B 447 29.59 17.08 15.29
CA LYS B 447 29.35 18.06 16.36
C LYS B 447 28.22 17.62 17.27
N GLU B 448 27.18 17.01 16.69
CA GLU B 448 26.07 16.48 17.46
C GLU B 448 26.51 15.34 18.38
N LEU B 449 27.35 14.44 17.85
CA LEU B 449 27.91 13.36 18.65
C LEU B 449 28.79 13.89 19.79
N GLN B 450 29.59 14.91 19.47
CA GLN B 450 30.48 15.56 20.45
C GLN B 450 29.68 16.17 21.60
N ALA B 451 28.61 16.89 21.24
CA ALA B 451 27.74 17.54 22.22
C ALA B 451 26.95 16.53 23.07
N ALA B 452 26.72 15.33 22.52
CA ALA B 452 26.02 14.27 23.24
C ALA B 452 26.89 13.52 24.25
N GLY B 453 28.15 13.94 24.37
CA GLY B 453 29.09 13.36 25.32
C GLY B 453 29.63 12.00 24.93
N LYS B 454 29.63 11.71 23.63
CA LYS B 454 30.18 10.46 23.12
C LYS B 454 31.70 10.48 23.21
N SER B 455 32.27 9.37 23.65
CA SER B 455 33.71 9.17 23.68
C SER B 455 34.29 9.15 22.26
N PRO B 456 35.57 9.49 22.09
CA PRO B 456 36.20 9.48 20.76
C PRO B 456 36.03 8.16 20.01
N GLU B 457 36.11 7.03 20.72
CA GLU B 457 35.90 5.72 20.13
C GLU B 457 34.45 5.55 19.65
N ASP B 458 33.50 5.90 20.52
CA ASP B 458 32.07 5.78 20.20
C ASP B 458 31.65 6.74 19.07
N LEU B 459 32.20 7.95 19.10
CA LEU B 459 31.95 8.93 18.05
C LEU B 459 32.39 8.40 16.69
N GLU B 460 33.62 7.86 16.64
CA GLU B 460 34.18 7.34 15.40
C GLU B 460 33.29 6.24 14.81
N LYS B 461 32.80 5.35 15.68
CA LYS B 461 32.01 4.20 15.27
C LYS B 461 30.62 4.61 14.78
N LEU B 462 30.01 5.56 15.48
CA LEU B 462 28.64 6.01 15.22
C LEU B 462 28.53 6.95 14.03
N LEU B 463 29.60 7.71 13.77
CA LEU B 463 29.53 8.79 12.79
C LEU B 463 28.89 8.42 11.42
N PRO B 464 29.41 7.41 10.71
CA PRO B 464 28.83 7.10 9.39
C PRO B 464 27.35 6.71 9.46
N HIS B 465 26.91 6.16 10.58
CA HIS B 465 25.50 5.79 10.75
C HIS B 465 24.58 7.00 10.83
N LYS B 466 25.15 8.15 11.21
CA LYS B 466 24.40 9.37 11.47
C LYS B 466 24.39 10.34 10.28
N VAL B 467 25.17 10.00 9.25
CA VAL B 467 25.27 10.83 8.08
C VAL B 467 24.13 10.50 7.13
N PHE B 468 23.56 11.53 6.52
CA PHE B 468 22.52 11.37 5.52
C PHE B 468 23.11 11.86 4.21
N GLU B 469 23.16 11.01 3.20
CA GLU B 469 23.79 11.38 1.93
C GLU B 469 22.95 12.42 1.15
N GLY B 470 21.66 12.43 1.39
CA GLY B 470 20.77 13.36 0.71
C GLY B 470 20.74 13.16 -0.79
N ASN B 471 20.50 14.25 -1.51
CA ASN B 471 20.41 14.21 -2.96
C ASN B 471 19.26 13.33 -3.47
N ARG B 472 18.21 13.21 -2.65
CA ARG B 472 17.05 12.39 -2.98
C ARG B 472 15.90 13.28 -3.46
N PRO B 473 15.51 13.09 -4.72
CA PRO B 473 14.59 14.03 -5.37
C PRO B 473 13.13 13.81 -5.00
N THR B 474 12.38 14.91 -4.95
CA THR B 474 10.95 14.86 -4.66
C THR B 474 10.20 15.88 -5.50
N ASN B 475 8.91 15.64 -5.66
CA ASN B 475 7.94 16.67 -6.07
C ASN B 475 7.13 17.04 -4.85
N SER B 476 6.79 18.31 -4.73
CA SER B 476 5.84 18.77 -3.73
C SER B 476 4.63 19.36 -4.43
N ILE B 477 3.47 18.76 -4.17
CA ILE B 477 2.22 19.23 -4.75
C ILE B 477 1.32 19.74 -3.65
N VAL B 478 1.13 21.06 -3.63
CA VAL B 478 0.43 21.74 -2.56
C VAL B 478 -0.78 22.45 -3.15
N PHE B 479 -1.91 22.34 -2.46
CA PHE B 479 -3.16 22.90 -2.98
C PHE B 479 -3.95 23.53 -1.86
N THR B 480 -4.79 24.50 -2.22
CA THR B 480 -5.44 25.33 -1.22
C THR B 480 -6.20 24.50 -0.18
N LYS B 481 -7.00 23.56 -0.66
CA LYS B 481 -7.87 22.75 0.17
C LYS B 481 -8.31 21.55 -0.64
N LEU B 482 -8.51 20.42 0.02
CA LEU B 482 -9.00 19.26 -0.71
C LEU B 482 -10.52 19.30 -0.82
N THR B 483 -10.98 20.10 -1.77
CA THR B 483 -12.40 20.20 -2.11
C THR B 483 -12.71 19.21 -3.22
N PRO B 484 -13.99 18.95 -3.50
CA PRO B 484 -14.38 18.16 -4.66
C PRO B 484 -13.70 18.63 -5.96
N PHE B 485 -13.76 19.94 -6.23
CA PHE B 485 -13.13 20.52 -7.41
C PHE B 485 -11.63 20.23 -7.47
N ILE B 486 -10.92 20.56 -6.39
CA ILE B 486 -9.46 20.37 -6.37
C ILE B 486 -9.07 18.89 -6.49
N LEU B 487 -9.80 18.00 -5.81
CA LEU B 487 -9.55 16.56 -5.96
C LEU B 487 -9.71 16.11 -7.41
N GLY B 488 -10.76 16.60 -8.08
CA GLY B 488 -10.98 16.28 -9.47
C GLY B 488 -9.82 16.70 -10.34
N ALA B 489 -9.32 17.92 -10.12
CA ALA B 489 -8.16 18.41 -10.86
C ALA B 489 -6.93 17.54 -10.61
N LEU B 490 -6.71 17.14 -9.36
CA LEU B 490 -5.55 16.32 -9.03
C LEU B 490 -5.58 14.93 -9.65
N ILE B 491 -6.74 14.27 -9.63
CA ILE B 491 -6.88 12.97 -10.26
C ILE B 491 -6.63 13.08 -11.77
N ALA B 492 -7.28 14.06 -12.41
CA ALA B 492 -7.10 14.29 -13.85
C ALA B 492 -5.63 14.56 -14.21
N MET B 493 -4.94 15.31 -13.37
CA MET B 493 -3.52 15.60 -13.59
C MET B 493 -2.69 14.32 -13.71
N TYR B 494 -2.91 13.39 -12.79
CA TYR B 494 -2.20 12.12 -12.86
C TYR B 494 -2.66 11.22 -14.02
N GLU B 495 -3.96 11.25 -14.32
CA GLU B 495 -4.46 10.55 -15.52
C GLU B 495 -3.67 10.99 -16.74
N HIS B 496 -3.47 12.29 -16.89
CA HIS B 496 -2.76 12.79 -18.07
C HIS B 496 -1.25 12.56 -18.02
N LYS B 497 -0.67 12.58 -16.83
CA LYS B 497 0.71 12.11 -16.65
C LYS B 497 0.90 10.71 -17.21
N ILE B 498 -0.02 9.81 -16.85
CA ILE B 498 0.05 8.42 -17.25
C ILE B 498 -0.08 8.32 -18.76
N PHE B 499 -0.97 9.13 -19.32
CA PHE B 499 -1.19 9.18 -20.77
C PHE B 499 0.09 9.60 -21.50
N VAL B 500 0.70 10.69 -21.04
CA VAL B 500 1.91 11.20 -21.68
C VAL B 500 3.04 10.16 -21.64
N GLN B 501 3.23 9.50 -20.50
CA GLN B 501 4.27 8.47 -20.42
C GLN B 501 4.01 7.30 -21.37
N GLY B 502 2.76 6.86 -21.47
CA GLY B 502 2.38 5.81 -22.38
C GLY B 502 2.70 6.12 -23.83
N ILE B 503 2.37 7.34 -24.25
CA ILE B 503 2.67 7.80 -25.61
C ILE B 503 4.19 7.76 -25.86
N MET B 504 4.96 8.25 -24.90
CA MET B 504 6.41 8.28 -25.05
C MET B 504 7.04 6.89 -25.15
N TRP B 505 6.48 5.92 -24.42
CA TRP B 505 6.93 4.53 -24.48
C TRP B 505 6.39 3.78 -25.70
N ASP B 506 5.43 4.39 -26.40
CA ASP B 506 4.78 3.78 -27.58
C ASP B 506 3.93 2.58 -27.20
N ILE B 507 3.43 2.55 -25.98
CA ILE B 507 2.56 1.46 -25.54
C ILE B 507 1.10 1.92 -25.50
N ASN B 508 0.19 0.97 -25.29
CA ASN B 508 -1.23 1.29 -25.18
C ASN B 508 -1.60 1.39 -23.70
N SER B 509 -1.87 2.61 -23.25
CA SER B 509 -2.20 2.86 -21.84
C SER B 509 -3.61 2.38 -21.49
N PHE B 510 -4.36 1.92 -22.48
CA PHE B 510 -5.80 1.81 -22.33
C PHE B 510 -6.40 0.42 -22.47
N ASP B 511 -5.56 -0.57 -22.73
CA ASP B 511 -5.99 -1.98 -22.70
C ASP B 511 -5.46 -2.67 -21.46
N GLN B 512 -5.76 -3.96 -21.32
CA GLN B 512 -5.31 -4.74 -20.16
C GLN B 512 -5.33 -6.23 -20.48
N TRP B 513 -4.60 -6.60 -21.53
CA TRP B 513 -4.53 -7.99 -21.97
C TRP B 513 -3.85 -8.89 -20.96
N GLY B 514 -3.09 -8.30 -20.04
CA GLY B 514 -2.32 -9.03 -19.06
C GLY B 514 -3.08 -9.71 -17.94
N VAL B 515 -4.39 -9.48 -17.86
CA VAL B 515 -5.21 -10.11 -16.83
C VAL B 515 -5.86 -11.41 -17.30
N GLU B 516 -5.78 -11.66 -18.62
CA GLU B 516 -6.50 -12.76 -19.25
C GLU B 516 -6.03 -14.14 -18.78
N LEU B 517 -4.71 -14.36 -18.74
CA LEU B 517 -4.17 -15.67 -18.41
C LEU B 517 -4.60 -16.15 -17.03
N GLY B 518 -4.51 -15.28 -16.02
CA GLY B 518 -4.91 -15.64 -14.67
C GLY B 518 -6.37 -16.04 -14.58
N LYS B 519 -7.21 -15.33 -15.33
CA LYS B 519 -8.64 -15.62 -15.37
C LYS B 519 -8.91 -16.98 -15.98
N GLN B 520 -8.19 -17.27 -17.07
CA GLN B 520 -8.34 -18.55 -17.78
C GLN B 520 -8.01 -19.72 -16.88
N LEU B 521 -6.86 -19.62 -16.20
CA LEU B 521 -6.39 -20.70 -15.36
C LEU B 521 -7.24 -20.89 -14.11
N ALA B 522 -7.85 -19.80 -13.62
CA ALA B 522 -8.73 -19.90 -12.46
C ALA B 522 -10.02 -20.66 -12.79
N LYS B 523 -10.54 -20.42 -13.99
CA LYS B 523 -11.72 -21.14 -14.48
C LYS B 523 -11.47 -22.65 -14.53
N LYS B 524 -10.25 -23.04 -14.89
CA LYS B 524 -9.86 -24.45 -14.95
C LYS B 524 -9.74 -25.08 -13.56
N ILE B 525 -9.27 -24.30 -12.59
CA ILE B 525 -9.01 -24.82 -11.25
C ILE B 525 -10.26 -24.92 -10.39
N GLU B 526 -11.18 -23.97 -10.54
CA GLU B 526 -12.38 -23.90 -9.69
C GLU B 526 -13.12 -25.24 -9.52
N PRO B 527 -13.54 -25.90 -10.60
CA PRO B 527 -14.26 -27.18 -10.48
C PRO B 527 -13.41 -28.32 -9.89
N GLU B 528 -12.09 -28.22 -9.95
CA GLU B 528 -11.21 -29.28 -9.45
C GLU B 528 -11.12 -29.32 -7.93
N LEU B 529 -11.49 -28.23 -7.27
CA LEU B 529 -11.33 -28.14 -5.82
C LEU B 529 -12.38 -28.95 -5.05
N GLU B 530 -13.57 -29.07 -5.62
CA GLU B 530 -14.66 -29.86 -5.01
C GLU B 530 -14.33 -31.35 -4.94
N GLY B 531 -14.71 -31.97 -3.83
CA GLY B 531 -14.54 -33.41 -3.66
C GLY B 531 -13.14 -33.82 -3.27
N SER B 532 -12.99 -35.11 -2.96
CA SER B 532 -11.76 -35.63 -2.37
C SER B 532 -10.76 -36.19 -3.38
N SER B 533 -11.12 -36.18 -4.66
CA SER B 533 -10.27 -36.76 -5.70
C SER B 533 -8.99 -35.95 -5.92
N ALA B 534 -7.88 -36.65 -6.10
CA ALA B 534 -6.58 -36.02 -6.32
C ALA B 534 -6.56 -35.28 -7.66
N VAL B 535 -5.92 -34.11 -7.65
CA VAL B 535 -5.74 -33.31 -8.86
C VAL B 535 -4.29 -33.43 -9.33
N THR B 536 -4.13 -33.89 -10.56
CA THR B 536 -2.80 -34.14 -11.14
C THR B 536 -2.60 -33.40 -12.46
N SER B 537 -3.56 -32.55 -12.81
CA SER B 537 -3.65 -31.93 -14.13
C SER B 537 -2.69 -30.75 -14.34
N HIS B 538 -2.01 -30.34 -13.28
CA HIS B 538 -1.11 -29.19 -13.36
C HIS B 538 0.33 -29.58 -13.09
N ASP B 539 1.20 -28.56 -13.00
CA ASP B 539 2.56 -28.73 -12.52
C ASP B 539 2.52 -29.25 -11.08
N SER B 540 3.64 -29.79 -10.61
CA SER B 540 3.68 -30.39 -9.27
C SER B 540 3.42 -29.39 -8.13
N SER B 541 3.74 -28.11 -8.34
CA SER B 541 3.46 -27.08 -7.32
C SER B 541 1.96 -26.85 -7.15
N THR B 542 1.29 -26.51 -8.25
CA THR B 542 -0.15 -26.33 -8.25
C THR B 542 -0.86 -27.58 -7.70
N ASN B 543 -0.45 -28.76 -8.15
CA ASN B 543 -1.00 -30.02 -7.65
C ASN B 543 -0.78 -30.19 -6.14
N GLY B 544 0.42 -29.85 -5.69
CA GLY B 544 0.81 -30.01 -4.31
C GLY B 544 0.06 -29.06 -3.38
N LEU B 545 -0.20 -27.86 -3.88
CA LEU B 545 -0.97 -26.87 -3.14
C LEU B 545 -2.43 -27.30 -3.03
N ILE B 546 -2.97 -27.82 -4.12
CA ILE B 546 -4.35 -28.34 -4.12
C ILE B 546 -4.46 -29.53 -3.15
N SER B 547 -3.47 -30.42 -3.19
CA SER B 547 -3.45 -31.57 -2.27
C SER B 547 -3.48 -31.09 -0.81
N PHE B 548 -2.68 -30.08 -0.50
CA PHE B 548 -2.66 -29.48 0.83
C PHE B 548 -4.02 -28.91 1.22
N ILE B 549 -4.65 -28.21 0.29
CA ILE B 549 -5.98 -27.62 0.52
C ILE B 549 -7.00 -28.72 0.84
N LYS B 550 -6.99 -29.79 0.06
CA LYS B 550 -7.96 -30.86 0.27
C LYS B 550 -7.72 -31.60 1.57
N GLN B 551 -6.46 -31.75 1.96
CA GLN B 551 -6.11 -32.44 3.20
C GLN B 551 -6.43 -31.60 4.43
N GLN B 552 -6.24 -30.29 4.33
CA GLN B 552 -6.31 -29.41 5.49
C GLN B 552 -7.69 -28.82 5.76
N ARG B 553 -8.59 -28.88 4.78
CA ARG B 553 -9.88 -28.19 4.92
C ARG B 553 -10.88 -28.82 5.89
N ASP B 554 -10.61 -30.06 6.30
CA ASP B 554 -11.49 -30.76 7.24
C ASP B 554 -10.95 -30.78 8.66
N THR B 555 -9.70 -30.36 8.84
CA THR B 555 -9.03 -30.37 10.14
C THR B 555 -9.72 -29.42 11.13
N LYS B 556 -9.98 -29.93 12.33
CA LYS B 556 -10.63 -29.15 13.37
C LYS B 556 -9.59 -28.56 14.34
N LEU B 557 -9.45 -27.24 14.30
CA LEU B 557 -8.54 -26.52 15.19
C LEU B 557 -9.30 -25.90 16.35
#